data_9MTW
#
_entry.id   9MTW
#
_cell.length_a   42.994
_cell.length_b   183.065
_cell.length_c   50.451
_cell.angle_alpha   90.00
_cell.angle_beta   98.48
_cell.angle_gamma   90.00
#
_symmetry.space_group_name_H-M   'P 1 21 1'
#
loop_
_entity.id
_entity.type
_entity.pdbx_description
1 polymer Beta-lactamase
2 non-polymer '(4R,5S)-3-({(3S,5S)-5-[(3-carboxyphenyl)carbamoyl]pyrrolidin-3-yl}sulfanyl)-5-[(1S,2R)-1-formyl-2-hydroxypropyl]-4-methyl-4,5-dihydro-1H-pyrrole-2-carboxylic acid'
3 non-polymer 1,2-ETHANEDIOL
4 non-polymer '(2S,3R,4R)-4-({(3S,5S)-5-[(3-carboxyphenyl)carbamoyl]pyrrolidin-3-yl}sulfanyl)-2-[(2S,3R)-3-hydroxy-1-oxobutan-2-yl]-3-methyl-3,4-dihydro-2H-pyrrole-5-carboxylic acid'
5 water water
#
_entity_poly.entity_id   1
_entity_poly.type   'polypeptide(L)'
_entity_poly.pdbx_seq_one_letter_code
;GNTPKDQEIKKLVDQNFKPLLEKYDVPGMAVGVIQNNKKYEMYYGLQSVQDKKAVNSSTIFELGSVSKLFTATAGGYAKN
KGKISFDDTPGKYWKELKNTPIDQVNLLQLATYTSGNLALQFPDEVKTDQQVLTFFKDWKPKNSIGEYRQYSNPSIGLFG
KVVALSMNKPFDQVLEKTIFPALGLKHSYVNVPKTQMQNYAFGYNQENQPIRVNPGPLGAPAYGVKSTLPDMLSFIHANL
NPQKYPADIQRAINETHQGRYQVNTMYQALGWEEFSYPATLQTLLDSNSEQIVMKPNKVTAISKEPSVKMYHKTGSTNRF
GTYVVFIPKENIGLVMLTNKRIPNEERIKAAYAVLNAIKK
;
_entity_poly.pdbx_strand_id   A,B
#
loop_
_chem_comp.id
_chem_comp.type
_chem_comp.name
_chem_comp.formula
1RG non-polymer '(4R,5S)-3-({(3S,5S)-5-[(3-carboxyphenyl)carbamoyl]pyrrolidin-3-yl}sulfanyl)-5-[(1S,2R)-1-formyl-2-hydroxypropyl]-4-methyl-4,5-dihydro-1H-pyrrole-2-carboxylic acid' 'C22 H27 N3 O7 S'
A1B93 non-polymer '(2S,3R,4R)-4-({(3S,5S)-5-[(3-carboxyphenyl)carbamoyl]pyrrolidin-3-yl}sulfanyl)-2-[(2S,3R)-3-hydroxy-1-oxobutan-2-yl]-3-methyl-3,4-dihydro-2H-pyrrole-5-carboxylic acid' 'C22 H27 N3 O7 S'
EDO non-polymer 1,2-ETHANEDIOL 'C2 H6 O2'
#
# COMPACT_ATOMS: atom_id res chain seq x y z
N ASN A 2 18.67 -0.35 4.59
CA ASN A 2 18.72 0.88 3.79
C ASN A 2 19.87 1.79 4.24
N THR A 3 20.28 2.68 3.35
CA THR A 3 21.42 3.54 3.62
C THR A 3 21.10 4.52 4.75
N PRO A 4 22.13 5.02 5.45
CA PRO A 4 21.88 6.01 6.52
C PRO A 4 21.07 7.21 6.05
N LYS A 5 21.28 7.67 4.82
CA LYS A 5 20.49 8.77 4.28
C LYS A 5 19.04 8.36 4.06
N ASP A 6 18.81 7.17 3.48
CA ASP A 6 17.46 6.64 3.37
C ASP A 6 16.72 6.69 4.70
N GLN A 7 17.39 6.25 5.77
CA GLN A 7 16.75 6.20 7.07
C GLN A 7 16.55 7.60 7.65
N GLU A 8 17.51 8.50 7.45
CA GLU A 8 17.36 9.87 7.94
C GLU A 8 16.16 10.55 7.30
N ILE A 9 16.08 10.50 5.97
CA ILE A 9 14.99 11.16 5.26
C ILE A 9 13.65 10.52 5.62
N LYS A 10 13.64 9.18 5.78
CA LYS A 10 12.42 8.52 6.22
C LYS A 10 11.97 9.05 7.58
N LYS A 11 12.91 9.24 8.50
CA LYS A 11 12.54 9.75 9.82
C LYS A 11 11.97 11.17 9.72
N LEU A 12 12.61 12.03 8.92
CA LEU A 12 12.14 13.40 8.81
C LEU A 12 10.75 13.47 8.17
N VAL A 13 10.48 12.62 7.18
CA VAL A 13 9.16 12.64 6.54
C VAL A 13 8.12 12.02 7.45
N ASP A 14 8.47 10.96 8.16
CA ASP A 14 7.53 10.38 9.14
C ASP A 14 7.21 11.42 10.22
N GLN A 15 8.19 12.24 10.59
CA GLN A 15 7.98 13.20 11.66
C GLN A 15 7.14 14.38 11.21
N ASN A 16 7.31 14.82 9.97
CA ASN A 16 6.72 16.07 9.53
C ASN A 16 5.54 15.92 8.57
N PHE A 17 5.50 14.87 7.76
CA PHE A 17 4.40 14.69 6.82
C PHE A 17 3.39 13.62 7.25
N LYS A 18 3.87 12.50 7.79
CA LYS A 18 2.96 11.41 8.15
C LYS A 18 1.84 11.81 9.11
N PRO A 19 2.07 12.64 10.13
CA PRO A 19 0.95 13.00 11.03
C PRO A 19 -0.19 13.70 10.32
N LEU A 20 0.07 14.30 9.15
CA LEU A 20 -0.97 15.03 8.43
C LEU A 20 -2.07 14.11 7.92
N LEU A 21 -1.78 12.83 7.71
CA LEU A 21 -2.80 11.91 7.22
C LEU A 21 -3.92 11.74 8.23
N GLU A 22 -3.57 11.45 9.49
CA GLU A 22 -4.59 11.34 10.52
C GLU A 22 -5.22 12.70 10.81
N LYS A 23 -4.40 13.76 10.84
CA LYS A 23 -4.93 15.08 11.21
C LYS A 23 -6.04 15.53 10.27
N TYR A 24 -5.89 15.30 8.96
CA TYR A 24 -6.85 15.78 7.99
C TYR A 24 -7.63 14.66 7.29
N ASP A 25 -7.56 13.43 7.81
CA ASP A 25 -8.23 12.25 7.23
C ASP A 25 -7.91 12.07 5.74
N VAL A 26 -6.62 12.16 5.41
CA VAL A 26 -6.16 12.02 4.03
C VAL A 26 -5.93 10.53 3.76
N PRO A 27 -6.56 9.96 2.73
CA PRO A 27 -6.37 8.52 2.50
C PRO A 27 -4.94 8.15 2.12
N GLY A 28 -4.28 8.92 1.26
CA GLY A 28 -2.97 8.54 0.75
C GLY A 28 -2.08 9.72 0.47
N MET A 29 -0.78 9.47 0.55
CA MET A 29 0.23 10.52 0.35
C MET A 29 1.49 9.92 -0.23
N ALA A 30 2.16 10.67 -1.09
CA ALA A 30 3.48 10.33 -1.57
C ALA A 30 4.39 11.53 -1.36
N VAL A 31 5.56 11.32 -0.76
CA VAL A 31 6.52 12.40 -0.50
C VAL A 31 7.86 11.97 -1.08
N GLY A 32 8.47 12.84 -1.87
CA GLY A 32 9.76 12.57 -2.46
C GLY A 32 10.77 13.65 -2.12
N VAL A 33 12.00 13.23 -1.89
CA VAL A 33 13.12 14.16 -1.74
C VAL A 33 14.16 13.77 -2.76
N ILE A 34 14.75 14.77 -3.43
CA ILE A 34 15.94 14.53 -4.22
C ILE A 34 17.06 15.37 -3.64
N GLN A 35 18.20 14.74 -3.39
CA GLN A 35 19.36 15.44 -2.86
C GLN A 35 20.61 14.87 -3.49
N ASN A 36 21.43 15.75 -4.07
CA ASN A 36 22.68 15.37 -4.75
C ASN A 36 22.46 14.23 -5.74
N ASN A 37 21.40 14.38 -6.54
CA ASN A 37 21.04 13.47 -7.63
C ASN A 37 20.65 12.08 -7.13
N LYS A 38 20.35 11.94 -5.83
CA LYS A 38 19.77 10.71 -5.31
C LYS A 38 18.31 10.96 -4.95
N LYS A 39 17.44 10.06 -5.36
CA LYS A 39 15.99 10.20 -5.14
C LYS A 39 15.54 9.29 -4.01
N TYR A 40 14.60 9.79 -3.21
CA TYR A 40 14.07 9.06 -2.07
C TYR A 40 12.54 9.15 -2.10
N GLU A 41 11.88 8.00 -2.17
CA GLU A 41 10.42 7.95 -2.31
C GLU A 41 9.80 7.36 -1.04
N MET A 42 8.76 8.00 -0.54
CA MET A 42 8.02 7.52 0.62
C MET A 42 6.52 7.53 0.33
N TYR A 43 5.86 6.42 0.61
CA TYR A 43 4.44 6.25 0.30
C TYR A 43 3.67 5.89 1.57
N TYR A 44 2.51 6.52 1.70
CA TYR A 44 1.65 6.22 2.85
C TYR A 44 0.19 6.08 2.44
N GLY A 45 -0.49 5.09 2.99
CA GLY A 45 -1.93 5.02 2.86
C GLY A 45 -2.42 4.51 1.51
N LEU A 46 -3.64 4.95 1.16
CA LEU A 46 -4.44 4.34 0.10
C LEU A 46 -4.63 5.27 -1.09
N GLN A 47 -4.41 4.73 -2.29
CA GLN A 47 -4.74 5.42 -3.52
C GLN A 47 -6.25 5.40 -3.77
N SER A 48 -6.90 4.31 -3.39
CA SER A 48 -8.35 4.16 -3.48
C SER A 48 -8.84 3.48 -2.21
N VAL A 49 -9.73 4.14 -1.48
CA VAL A 49 -10.24 3.57 -0.24
C VAL A 49 -11.15 2.37 -0.53
N GLN A 50 -12.00 2.48 -1.55
CA GLN A 50 -12.94 1.40 -1.82
C GLN A 50 -12.24 0.16 -2.35
N ASP A 51 -11.10 0.32 -3.02
CA ASP A 51 -10.35 -0.81 -3.55
C ASP A 51 -9.24 -1.27 -2.62
N LYS A 52 -8.99 -0.55 -1.54
CA LYS A 52 -7.89 -0.86 -0.62
C LYS A 52 -6.58 -1.03 -1.39
N LYS A 53 -6.38 -0.18 -2.39
CA LYS A 53 -5.16 -0.18 -3.18
C LYS A 53 -4.20 0.82 -2.57
N ALA A 54 -3.03 0.35 -2.15
CA ALA A 54 -2.09 1.25 -1.46
C ALA A 54 -1.37 2.16 -2.44
N VAL A 55 -1.07 3.38 -1.98
CA VAL A 55 -0.25 4.29 -2.78
C VAL A 55 1.11 3.66 -3.06
N ASN A 56 1.59 3.81 -4.29
CA ASN A 56 2.87 3.22 -4.68
C ASN A 56 3.50 4.08 -5.77
N SER A 57 4.67 3.63 -6.26
CA SER A 57 5.42 4.40 -7.25
C SER A 57 4.70 4.54 -8.58
N SER A 58 3.65 3.75 -8.84
CA SER A 58 2.86 3.88 -10.05
C SER A 58 1.61 4.75 -9.87
N THR A 59 1.32 5.17 -8.63
CA THR A 59 0.09 5.92 -8.38
C THR A 59 0.15 7.26 -9.08
N ILE A 60 -0.91 7.58 -9.85
CA ILE A 60 -1.04 8.84 -10.56
C ILE A 60 -1.93 9.77 -9.75
N PHE A 61 -1.42 10.97 -9.44
CA PHE A 61 -2.14 12.01 -8.72
C PHE A 61 -2.43 13.18 -9.66
N GLU A 62 -3.54 13.87 -9.42
CA GLU A 62 -3.78 15.16 -10.06
C GLU A 62 -2.91 16.23 -9.42
N LEU A 63 -2.16 16.97 -10.26
CA LEU A 63 -1.31 18.02 -9.73
C LEU A 63 -2.03 19.35 -9.52
N GLY A 64 -3.24 19.49 -10.05
CA GLY A 64 -3.94 20.75 -9.79
C GLY A 64 -3.16 21.94 -10.31
N SER A 65 -3.14 23.01 -9.52
CA SER A 65 -2.53 24.25 -10.00
C SER A 65 -1.03 24.12 -10.25
N VAL A 66 -0.37 23.06 -9.72
CA VAL A 66 1.04 22.82 -10.04
C VAL A 66 1.23 22.50 -11.52
N SER A 67 0.15 22.18 -12.21
CA SER A 67 0.21 21.98 -13.66
C SER A 67 0.78 23.20 -14.38
N LYS A 68 0.61 24.39 -13.80
CA LYS A 68 1.11 25.61 -14.42
C LYS A 68 2.62 25.57 -14.66
N LEU A 69 3.35 24.78 -13.86
CA LEU A 69 4.79 24.68 -14.06
C LEU A 69 5.10 24.02 -15.40
N PHE A 70 4.26 23.09 -15.84
CA PHE A 70 4.50 22.47 -17.15
C PHE A 70 4.09 23.40 -18.28
N THR A 71 3.01 24.16 -18.09
CA THR A 71 2.65 25.19 -19.06
C THR A 71 3.78 26.19 -19.21
N ALA A 72 4.37 26.59 -18.08
CA ALA A 72 5.49 27.52 -18.10
C ALA A 72 6.65 26.93 -18.90
N THR A 73 6.98 25.67 -18.65
CA THR A 73 8.08 25.03 -19.36
C THR A 73 7.79 24.94 -20.85
N ALA A 74 6.55 24.62 -21.21
CA ALA A 74 6.17 24.59 -22.62
C ALA A 74 6.33 25.97 -23.26
N GLY A 75 5.95 27.03 -22.55
CA GLY A 75 6.13 28.37 -23.07
C GLY A 75 7.59 28.74 -23.23
N GLY A 76 8.41 28.38 -22.23
CA GLY A 76 9.84 28.62 -22.35
C GLY A 76 10.44 27.87 -23.51
N TYR A 77 9.93 26.67 -23.77
CA TYR A 77 10.38 25.87 -24.89
C TYR A 77 10.04 26.54 -26.21
N ALA A 78 8.77 26.92 -26.39
CA ALA A 78 8.36 27.60 -27.61
C ALA A 78 9.12 28.91 -27.82
N LYS A 79 9.31 29.70 -26.75
CA LYS A 79 10.02 30.97 -26.91
C LYS A 79 11.45 30.74 -27.35
N ASN A 80 12.14 29.76 -26.76
CA ASN A 80 13.54 29.57 -27.10
C ASN A 80 13.76 28.79 -28.39
N LYS A 81 12.70 28.27 -29.01
CA LYS A 81 12.76 27.78 -30.37
C LYS A 81 12.28 28.82 -31.39
N GLY A 82 12.03 30.04 -30.93
CA GLY A 82 11.58 31.11 -31.82
C GLY A 82 10.16 31.00 -32.27
N LYS A 83 9.34 30.11 -31.66
CA LYS A 83 7.95 29.96 -32.06
C LYS A 83 7.06 31.08 -31.56
N ILE A 84 7.43 31.70 -30.43
CA ILE A 84 6.76 32.88 -29.90
C ILE A 84 7.83 33.82 -29.40
N SER A 85 7.45 35.08 -29.26
CA SER A 85 8.15 36.07 -28.45
C SER A 85 7.23 36.44 -27.30
N PHE A 86 7.81 36.68 -26.12
CA PHE A 86 6.98 37.07 -24.99
C PHE A 86 6.38 38.46 -25.17
N ASP A 87 6.88 39.25 -26.13
CA ASP A 87 6.25 40.52 -26.44
C ASP A 87 5.10 40.39 -27.44
N ASP A 88 4.87 39.20 -27.99
CA ASP A 88 3.74 39.03 -28.91
C ASP A 88 2.42 39.14 -28.16
N THR A 89 1.34 39.35 -28.90
CA THR A 89 0.01 39.36 -28.31
C THR A 89 -0.80 38.19 -28.85
N PRO A 90 -1.88 37.77 -28.16
CA PRO A 90 -2.48 36.47 -28.50
C PRO A 90 -3.10 36.43 -29.89
N GLY A 91 -3.55 37.55 -30.42
CA GLY A 91 -4.16 37.59 -31.75
C GLY A 91 -3.21 37.30 -32.89
N LYS A 92 -1.89 37.31 -32.63
CA LYS A 92 -0.94 36.88 -33.63
C LYS A 92 -1.10 35.39 -33.95
N TYR A 93 -1.61 34.63 -32.99
CA TYR A 93 -1.72 33.18 -33.10
C TYR A 93 -3.16 32.72 -33.13
N TRP A 94 -4.01 33.23 -32.24
CA TRP A 94 -5.44 32.95 -32.24
C TRP A 94 -6.10 34.11 -33.00
N LYS A 95 -6.29 33.93 -34.31
CA LYS A 95 -6.60 35.05 -35.20
C LYS A 95 -7.94 35.69 -34.87
N GLU A 96 -8.87 34.94 -34.27
CA GLU A 96 -10.16 35.51 -33.89
C GLU A 96 -10.06 36.52 -32.75
N LEU A 97 -8.91 36.64 -32.09
CA LEU A 97 -8.71 37.68 -31.08
C LEU A 97 -8.02 38.91 -31.64
N LYS A 98 -7.62 38.90 -32.91
CA LYS A 98 -7.01 40.08 -33.50
C LYS A 98 -8.01 41.24 -33.49
N ASN A 99 -7.51 42.43 -33.16
CA ASN A 99 -8.34 43.64 -33.11
C ASN A 99 -9.41 43.56 -32.03
N THR A 100 -9.15 42.81 -30.96
CA THR A 100 -9.97 42.88 -29.78
C THR A 100 -9.15 43.44 -28.62
N PRO A 101 -9.79 43.90 -27.54
CA PRO A 101 -9.00 44.48 -26.45
C PRO A 101 -7.99 43.52 -25.84
N ILE A 102 -8.27 42.22 -25.78
CA ILE A 102 -7.29 41.31 -25.16
C ILE A 102 -6.01 41.21 -26.00
N ASP A 103 -6.08 41.57 -27.28
CA ASP A 103 -4.88 41.60 -28.11
C ASP A 103 -3.96 42.75 -27.74
N GLN A 104 -4.27 43.53 -26.71
CA GLN A 104 -3.36 44.54 -26.18
CA GLN A 104 -3.35 44.53 -26.18
C GLN A 104 -2.53 44.01 -25.01
N VAL A 105 -2.76 42.77 -24.58
CA VAL A 105 -2.01 42.11 -23.50
C VAL A 105 -0.99 41.18 -24.15
N ASN A 106 0.27 41.22 -23.67
CA ASN A 106 1.28 40.36 -24.29
C ASN A 106 1.37 39.02 -23.57
N LEU A 107 2.12 38.09 -24.16
CA LEU A 107 2.11 36.71 -23.68
C LEU A 107 2.74 36.60 -22.30
N LEU A 108 3.80 37.37 -22.03
CA LEU A 108 4.41 37.34 -20.70
C LEU A 108 3.40 37.82 -19.65
N GLN A 109 2.63 38.86 -19.97
CA GLN A 109 1.61 39.36 -19.06
C GLN A 109 0.53 38.31 -18.81
N LEU A 110 0.15 37.54 -19.84
CA LEU A 110 -0.81 36.46 -19.65
C LEU A 110 -0.22 35.37 -18.76
N ALA A 111 1.03 34.99 -19.04
CA ALA A 111 1.66 33.90 -18.31
C ALA A 111 1.88 34.24 -16.85
N THR A 112 2.06 35.53 -16.52
CA THR A 112 2.35 35.97 -15.15
C THR A 112 1.21 36.79 -14.55
N TYR A 113 -0.01 36.65 -15.09
CA TYR A 113 -1.25 37.06 -14.42
C TYR A 113 -1.39 38.58 -14.29
N THR A 114 -0.90 39.38 -15.24
CA THR A 114 -0.98 40.83 -15.08
C THR A 114 -1.86 41.52 -16.14
N SER A 115 -2.84 40.82 -16.73
CA SER A 115 -3.71 41.46 -17.72
C SER A 115 -4.50 42.63 -17.14
N GLY A 116 -4.74 42.64 -15.82
CA GLY A 116 -5.53 43.67 -15.21
C GLY A 116 -7.01 43.41 -15.13
N ASN A 117 -7.51 42.30 -15.67
CA ASN A 117 -8.92 42.00 -15.51
C ASN A 117 -9.20 40.52 -15.80
N LEU A 118 -8.44 39.63 -15.16
CA LEU A 118 -8.74 38.21 -15.22
C LEU A 118 -8.67 37.64 -13.80
N ALA A 119 -9.76 37.02 -13.37
CA ALA A 119 -9.87 36.53 -12.00
C ALA A 119 -9.38 35.08 -11.91
N LEU A 120 -9.54 34.50 -10.73
CA LEU A 120 -9.06 33.14 -10.48
C LEU A 120 -9.67 32.14 -11.47
N GLN A 121 -10.98 32.24 -11.72
CA GLN A 121 -11.65 31.30 -12.61
C GLN A 121 -12.47 32.06 -13.65
N PHE A 122 -12.81 31.35 -14.73
CA PHE A 122 -13.79 31.87 -15.67
C PHE A 122 -15.11 32.14 -14.94
N PRO A 123 -15.94 33.03 -15.48
CA PRO A 123 -17.32 33.12 -15.01
C PRO A 123 -17.99 31.74 -15.11
N ASP A 124 -18.96 31.51 -14.22
CA ASP A 124 -19.58 30.19 -14.16
C ASP A 124 -20.24 29.81 -15.48
N GLU A 125 -20.71 30.79 -16.24
CA GLU A 125 -21.43 30.45 -17.46
C GLU A 125 -20.51 30.11 -18.63
N VAL A 126 -19.20 30.26 -18.47
CA VAL A 126 -18.24 29.91 -19.52
C VAL A 126 -17.88 28.44 -19.32
N LYS A 127 -18.54 27.57 -20.10
CA LYS A 127 -18.44 26.13 -19.89
C LYS A 127 -17.88 25.36 -21.06
N THR A 128 -17.80 25.96 -22.25
CA THR A 128 -17.36 25.26 -23.44
C THR A 128 -16.24 26.03 -24.13
N ASP A 129 -15.54 25.34 -25.03
CA ASP A 129 -14.48 25.99 -25.79
C ASP A 129 -15.02 27.15 -26.62
N GLN A 130 -16.19 26.97 -27.25
CA GLN A 130 -16.78 28.08 -27.99
C GLN A 130 -16.97 29.28 -27.08
N GLN A 131 -17.43 29.03 -25.85
CA GLN A 131 -17.74 30.12 -24.94
C GLN A 131 -16.48 30.78 -24.40
N VAL A 132 -15.37 30.03 -24.30
CA VAL A 132 -14.09 30.61 -23.92
C VAL A 132 -13.63 31.62 -24.96
N LEU A 133 -13.73 31.24 -26.25
CA LEU A 133 -13.34 32.18 -27.29
C LEU A 133 -14.21 33.42 -27.24
N THR A 134 -15.52 33.24 -27.10
CA THR A 134 -16.43 34.37 -26.98
C THR A 134 -16.06 35.24 -25.79
N PHE A 135 -15.75 34.61 -24.64
CA PHE A 135 -15.35 35.37 -23.47
C PHE A 135 -14.14 36.25 -23.77
N PHE A 136 -13.14 35.71 -24.48
CA PHE A 136 -11.95 36.54 -24.71
C PHE A 136 -12.19 37.62 -25.76
N LYS A 137 -13.07 37.38 -26.73
CA LYS A 137 -13.43 38.44 -27.68
C LYS A 137 -14.19 39.57 -27.00
N ASP A 138 -14.99 39.25 -25.99
CA ASP A 138 -15.82 40.24 -25.32
C ASP A 138 -15.09 40.94 -24.19
N TRP A 139 -13.88 40.48 -23.87
CA TRP A 139 -13.11 40.98 -22.74
C TRP A 139 -12.74 42.45 -22.94
N LYS A 140 -12.82 43.21 -21.85
CA LYS A 140 -12.36 44.59 -21.79
C LYS A 140 -11.39 44.73 -20.63
N PRO A 141 -10.37 45.59 -20.76
CA PRO A 141 -9.44 45.80 -19.66
C PRO A 141 -10.08 46.57 -18.52
N LYS A 142 -9.45 46.46 -17.36
CA LYS A 142 -9.87 47.21 -16.18
C LYS A 142 -8.65 47.93 -15.62
N ASN A 143 -7.84 47.24 -14.85
CA ASN A 143 -6.65 47.85 -14.27
C ASN A 143 -5.56 47.95 -15.32
N SER A 144 -4.65 48.92 -15.14
CA SER A 144 -3.61 49.14 -16.14
C SER A 144 -2.90 47.84 -16.50
N ILE A 145 -2.87 47.52 -17.80
CA ILE A 145 -2.28 46.27 -18.25
C ILE A 145 -0.83 46.20 -17.83
N GLY A 146 -0.43 45.05 -17.27
CA GLY A 146 0.93 44.82 -16.83
C GLY A 146 1.23 45.21 -15.39
N GLU A 147 0.34 45.97 -14.74
N GLU A 147 0.34 45.97 -14.74
CA GLU A 147 0.69 46.59 -13.47
CA GLU A 147 0.70 46.58 -13.47
C GLU A 147 0.24 45.81 -12.24
C GLU A 147 0.22 45.83 -12.22
N TYR A 148 -0.78 44.96 -12.34
CA TYR A 148 -1.31 44.26 -11.17
C TYR A 148 -1.35 42.76 -11.40
N ARG A 149 -0.80 42.02 -10.44
CA ARG A 149 -0.87 40.56 -10.46
C ARG A 149 -2.18 40.08 -9.82
N GLN A 150 -2.93 39.25 -10.53
CA GLN A 150 -4.06 38.54 -9.93
C GLN A 150 -4.01 37.11 -10.43
N TYR A 151 -3.71 36.18 -9.53
CA TYR A 151 -3.56 34.77 -9.89
C TYR A 151 -4.80 34.30 -10.66
N SER A 152 -4.60 33.67 -11.80
CA SER A 152 -5.70 33.51 -12.76
C SER A 152 -5.56 32.26 -13.63
N ASN A 153 -6.52 31.34 -13.54
CA ASN A 153 -6.52 30.21 -14.47
C ASN A 153 -6.82 30.64 -15.91
N PRO A 154 -7.83 31.49 -16.18
CA PRO A 154 -8.03 31.97 -17.56
C PRO A 154 -6.79 32.59 -18.17
N SER A 155 -6.02 33.33 -17.38
CA SER A 155 -4.86 34.04 -17.91
C SER A 155 -3.81 33.06 -18.44
N ILE A 156 -3.41 32.09 -17.61
CA ILE A 156 -2.38 31.18 -18.08
C ILE A 156 -2.97 30.14 -19.04
N GLY A 157 -4.30 29.90 -18.97
CA GLY A 157 -4.92 29.06 -19.99
C GLY A 157 -4.80 29.66 -21.39
N LEU A 158 -5.05 30.96 -21.51
CA LEU A 158 -4.88 31.62 -22.81
C LEU A 158 -3.43 31.54 -23.25
N PHE A 159 -2.49 31.75 -22.34
CA PHE A 159 -1.08 31.61 -22.66
C PHE A 159 -0.79 30.22 -23.22
N GLY A 160 -1.30 29.19 -22.53
CA GLY A 160 -1.09 27.82 -23.00
C GLY A 160 -1.71 27.54 -24.35
N LYS A 161 -2.93 28.04 -24.59
CA LYS A 161 -3.57 27.89 -25.90
C LYS A 161 -2.72 28.53 -27.00
N VAL A 162 -2.14 29.70 -26.73
CA VAL A 162 -1.30 30.38 -27.73
C VAL A 162 -0.01 29.59 -27.96
N VAL A 163 0.61 29.10 -26.89
CA VAL A 163 1.81 28.27 -27.04
C VAL A 163 1.52 27.09 -27.95
N ALA A 164 0.39 26.41 -27.72
CA ALA A 164 0.01 25.27 -28.56
C ALA A 164 -0.16 25.69 -30.02
N LEU A 165 -0.88 26.79 -30.26
CA LEU A 165 -1.06 27.24 -31.64
C LEU A 165 0.28 27.55 -32.30
N SER A 166 1.21 28.14 -31.56
CA SER A 166 2.53 28.46 -32.13
C SER A 166 3.31 27.20 -32.51
N MET A 167 2.99 26.07 -31.90
CA MET A 167 3.65 24.80 -32.15
C MET A 167 2.83 23.88 -33.05
N ASN A 168 1.71 24.36 -33.58
CA ASN A 168 0.86 23.64 -34.53
C ASN A 168 0.42 22.28 -34.02
N LYS A 169 0.11 22.19 -32.73
CA LYS A 169 -0.47 20.99 -32.16
C LYS A 169 -1.31 21.34 -30.94
N PRO A 170 -2.31 20.53 -30.59
CA PRO A 170 -3.12 20.85 -29.41
C PRO A 170 -2.29 20.77 -28.13
N PHE A 171 -2.76 21.48 -27.10
CA PHE A 171 -1.97 21.62 -25.90
C PHE A 171 -1.63 20.27 -25.29
N ASP A 172 -2.59 19.32 -25.31
CA ASP A 172 -2.30 18.02 -24.70
C ASP A 172 -1.15 17.33 -25.41
N GLN A 173 -1.03 17.55 -26.73
CA GLN A 173 0.06 16.97 -27.49
C GLN A 173 1.36 17.72 -27.25
N VAL A 174 1.30 19.04 -27.03
CA VAL A 174 2.51 19.77 -26.66
C VAL A 174 3.17 19.11 -25.45
N LEU A 175 2.37 18.78 -24.43
CA LEU A 175 2.92 18.17 -23.23
C LEU A 175 3.23 16.69 -23.44
N GLU A 176 2.29 15.92 -23.99
CA GLU A 176 2.51 14.48 -24.01
C GLU A 176 3.48 14.03 -25.11
N LYS A 177 3.63 14.80 -26.19
CA LYS A 177 4.55 14.41 -27.24
C LYS A 177 5.88 15.14 -27.21
N THR A 178 5.93 16.37 -26.70
CA THR A 178 7.16 17.16 -26.72
C THR A 178 7.75 17.39 -25.33
N ILE A 179 6.99 17.99 -24.41
CA ILE A 179 7.59 18.46 -23.17
C ILE A 179 7.84 17.31 -22.19
N PHE A 180 6.82 16.48 -21.91
CA PHE A 180 7.06 15.35 -21.01
C PHE A 180 8.18 14.44 -21.51
N PRO A 181 8.25 14.07 -22.80
CA PRO A 181 9.38 13.24 -23.24
C PRO A 181 10.72 13.94 -23.11
N ALA A 182 10.78 15.25 -23.38
CA ALA A 182 12.05 15.95 -23.27
C ALA A 182 12.56 15.96 -21.84
N LEU A 183 11.67 15.96 -20.85
CA LEU A 183 12.00 15.94 -19.43
C LEU A 183 12.20 14.53 -18.88
N GLY A 184 12.03 13.52 -19.72
CA GLY A 184 12.21 12.14 -19.29
C GLY A 184 11.09 11.58 -18.46
N LEU A 185 9.88 12.11 -18.59
CA LEU A 185 8.75 11.65 -17.77
C LEU A 185 8.03 10.52 -18.49
N LYS A 186 7.67 9.49 -17.74
CA LYS A 186 7.10 8.28 -18.31
C LYS A 186 5.61 8.11 -18.06
N HIS A 187 5.08 8.71 -17.01
CA HIS A 187 3.70 8.49 -16.60
C HIS A 187 3.10 9.82 -16.14
N SER A 188 3.34 10.85 -16.93
CA SER A 188 2.71 12.16 -16.76
C SER A 188 1.76 12.37 -17.93
N TYR A 189 0.57 12.89 -17.63
CA TYR A 189 -0.52 12.90 -18.60
C TYR A 189 -1.36 14.15 -18.49
N VAL A 190 -1.89 14.59 -19.64
CA VAL A 190 -3.07 15.45 -19.61
C VAL A 190 -4.34 14.61 -19.62
N ASN A 191 -4.33 13.54 -20.43
CA ASN A 191 -5.41 12.57 -20.46
C ASN A 191 -4.82 11.21 -20.05
N VAL A 192 -5.28 10.68 -18.93
CA VAL A 192 -4.78 9.39 -18.44
C VAL A 192 -5.37 8.29 -19.31
N PRO A 193 -4.54 7.46 -19.97
CA PRO A 193 -5.09 6.41 -20.84
C PRO A 193 -5.77 5.31 -20.03
N LYS A 194 -6.63 4.56 -20.72
CA LYS A 194 -7.35 3.46 -20.06
C LYS A 194 -6.39 2.45 -19.46
N THR A 195 -5.24 2.21 -20.10
CA THR A 195 -4.24 1.26 -19.62
C THR A 195 -3.63 1.66 -18.27
N GLN A 196 -3.83 2.90 -17.84
CA GLN A 196 -3.32 3.38 -16.55
C GLN A 196 -4.41 3.62 -15.52
N MET A 197 -5.69 3.37 -15.86
CA MET A 197 -6.77 3.76 -14.95
C MET A 197 -6.67 3.07 -13.59
N GLN A 198 -6.10 1.86 -13.54
CA GLN A 198 -5.93 1.17 -12.27
C GLN A 198 -4.90 1.85 -11.38
N ASN A 199 -4.06 2.72 -11.94
CA ASN A 199 -3.08 3.48 -11.19
C ASN A 199 -3.52 4.91 -10.90
N TYR A 200 -4.67 5.32 -11.42
CA TYR A 200 -5.13 6.70 -11.30
C TYR A 200 -5.86 6.84 -9.97
N ALA A 201 -5.27 7.60 -9.04
CA ALA A 201 -5.82 7.68 -7.70
C ALA A 201 -7.20 8.33 -7.71
N PHE A 202 -8.05 7.90 -6.78
CA PHE A 202 -9.29 8.64 -6.53
C PHE A 202 -8.98 9.83 -5.63
N GLY A 203 -9.64 10.95 -5.90
CA GLY A 203 -9.59 12.12 -5.04
C GLY A 203 -10.79 12.17 -4.12
N TYR A 204 -10.58 12.75 -2.93
CA TYR A 204 -11.57 12.69 -1.85
C TYR A 204 -11.91 14.09 -1.37
N ASN A 205 -13.20 14.39 -1.30
CA ASN A 205 -13.67 15.71 -0.90
C ASN A 205 -13.64 15.82 0.63
N GLN A 206 -14.25 16.88 1.17
CA GLN A 206 -14.22 17.09 2.61
C GLN A 206 -15.10 16.09 3.35
N GLU A 207 -16.05 15.46 2.66
CA GLU A 207 -16.83 14.37 3.24
C GLU A 207 -16.21 13.01 2.96
N ASN A 208 -14.99 12.97 2.43
CA ASN A 208 -14.25 11.74 2.15
C ASN A 208 -15.01 10.82 1.21
N GLN A 209 -15.58 11.42 0.16
CA GLN A 209 -16.22 10.69 -0.93
C GLN A 209 -15.44 10.88 -2.22
N PRO A 210 -15.33 9.85 -3.05
CA PRO A 210 -14.59 9.99 -4.32
C PRO A 210 -15.44 10.66 -5.39
N ILE A 211 -14.88 11.71 -5.99
CA ILE A 211 -15.49 12.41 -7.11
C ILE A 211 -14.54 12.29 -8.30
N ARG A 212 -15.07 12.52 -9.50
CA ARG A 212 -14.22 12.70 -10.69
C ARG A 212 -15.02 13.36 -11.81
N PRO A 215 -13.80 18.47 -15.89
CA PRO A 215 -13.14 19.78 -15.72
C PRO A 215 -13.75 20.87 -16.61
N GLY A 216 -13.43 22.14 -16.30
CA GLY A 216 -13.88 23.25 -17.10
C GLY A 216 -13.11 23.34 -18.42
N PRO A 217 -13.46 24.33 -19.24
CA PRO A 217 -12.80 24.48 -20.54
C PRO A 217 -11.51 25.27 -20.42
N LEU A 218 -10.57 24.96 -21.32
CA LEU A 218 -9.22 25.53 -21.29
C LEU A 218 -8.54 25.23 -19.94
N GLY A 219 -8.92 24.12 -19.32
CA GLY A 219 -8.41 23.82 -17.99
C GLY A 219 -7.02 23.22 -17.97
N ALA A 220 -6.65 22.49 -19.03
CA ALA A 220 -5.37 21.74 -18.95
C ALA A 220 -4.18 22.62 -18.61
N PRO A 221 -3.95 23.79 -19.23
CA PRO A 221 -2.75 24.56 -18.88
C PRO A 221 -2.78 25.11 -17.47
N ALA A 222 -3.96 25.19 -16.85
CA ALA A 222 -4.08 25.78 -15.53
C ALA A 222 -4.03 24.74 -14.42
N TYR A 223 -4.64 23.57 -14.65
CA TYR A 223 -4.78 22.61 -13.54
C TYR A 223 -4.92 21.17 -14.01
N GLY A 224 -4.63 20.87 -15.28
CA GLY A 224 -5.02 19.58 -15.84
C GLY A 224 -3.99 18.47 -15.98
N VAL A 225 -2.85 18.57 -15.32
CA VAL A 225 -1.79 17.56 -15.46
C VAL A 225 -1.89 16.56 -14.32
N LYS A 226 -1.59 15.30 -14.63
CA LYS A 226 -1.51 14.20 -13.67
C LYS A 226 -0.12 13.55 -13.74
N SER A 227 0.40 13.08 -12.61
CA SER A 227 1.76 12.54 -12.62
C SER A 227 1.97 11.62 -11.42
N THR A 228 3.11 10.93 -11.43
CA THR A 228 3.52 10.03 -10.35
C THR A 228 4.62 10.68 -9.52
N LEU A 229 4.88 10.13 -8.35
CA LEU A 229 5.99 10.66 -7.55
C LEU A 229 7.34 10.49 -8.24
N PRO A 230 7.68 9.34 -8.86
CA PRO A 230 8.95 9.27 -9.58
C PRO A 230 9.07 10.31 -10.69
N ASP A 231 8.00 10.57 -11.45
CA ASP A 231 8.09 11.59 -12.48
C ASP A 231 8.29 12.98 -11.88
N MET A 232 7.60 13.28 -10.78
CA MET A 232 7.78 14.61 -10.19
C MET A 232 9.19 14.79 -9.62
N LEU A 233 9.80 13.72 -9.10
CA LEU A 233 11.20 13.84 -8.70
C LEU A 233 12.11 14.05 -9.91
N SER A 234 11.80 13.40 -11.03
CA SER A 234 12.54 13.65 -12.26
C SER A 234 12.39 15.10 -12.72
N PHE A 235 11.18 15.64 -12.60
CA PHE A 235 10.96 17.04 -12.95
C PHE A 235 11.79 17.96 -12.05
N ILE A 236 11.84 17.66 -10.75
CA ILE A 236 12.69 18.46 -9.86
C ILE A 236 14.15 18.30 -10.26
N HIS A 237 14.56 17.08 -10.60
CA HIS A 237 15.95 16.89 -11.04
C HIS A 237 16.26 17.78 -12.23
N ALA A 238 15.34 17.89 -13.19
CA ALA A 238 15.56 18.73 -14.36
C ALA A 238 15.71 20.19 -13.96
N ASN A 239 14.92 20.63 -12.99
CA ASN A 239 14.99 22.01 -12.55
C ASN A 239 16.27 22.30 -11.76
N LEU A 240 16.80 21.30 -11.03
CA LEU A 240 18.06 21.45 -10.33
C LEU A 240 19.28 21.31 -11.23
N ASN A 241 19.15 20.61 -12.37
CA ASN A 241 20.29 20.33 -13.24
C ASN A 241 19.95 20.57 -14.70
N PRO A 242 19.45 21.76 -15.06
CA PRO A 242 19.09 21.98 -16.46
C PRO A 242 20.25 21.81 -17.41
N GLN A 243 21.49 22.04 -16.95
CA GLN A 243 22.65 21.91 -17.82
C GLN A 243 22.89 20.48 -18.29
N LYS A 244 22.31 19.48 -17.63
CA LYS A 244 22.47 18.08 -18.03
C LYS A 244 21.50 17.67 -19.14
N TYR A 245 20.57 18.53 -19.51
CA TYR A 245 19.54 18.20 -20.49
C TYR A 245 19.86 18.85 -21.84
N PRO A 246 19.35 18.29 -22.94
CA PRO A 246 19.61 18.89 -24.27
C PRO A 246 19.11 20.33 -24.36
N ALA A 247 19.69 21.06 -25.32
CA ALA A 247 19.60 22.52 -25.34
C ALA A 247 18.15 23.01 -25.33
N ASP A 248 17.27 22.39 -26.11
CA ASP A 248 15.92 22.95 -26.24
C ASP A 248 15.15 22.92 -24.92
N ILE A 249 15.19 21.80 -24.19
CA ILE A 249 14.47 21.78 -22.91
C ILE A 249 15.30 22.47 -21.82
N GLN A 250 16.62 22.44 -21.93
CA GLN A 250 17.45 23.18 -20.98
CA GLN A 250 17.48 23.18 -21.00
C GLN A 250 17.10 24.66 -20.99
N ARG A 251 17.00 25.24 -22.18
CA ARG A 251 16.66 26.67 -22.29
C ARG A 251 15.25 26.92 -21.78
N ALA A 252 14.32 26.01 -22.07
CA ALA A 252 12.96 26.11 -21.53
C ALA A 252 12.96 26.17 -20.02
N ILE A 253 13.68 25.26 -19.36
CA ILE A 253 13.70 25.21 -17.90
C ILE A 253 14.30 26.50 -17.34
N ASN A 254 15.44 26.91 -17.90
CA ASN A 254 16.08 28.13 -17.41
C ASN A 254 15.14 29.32 -17.54
N GLU A 255 14.33 29.35 -18.60
CA GLU A 255 13.37 30.43 -18.79
C GLU A 255 12.36 30.50 -17.65
N THR A 256 12.00 29.35 -17.06
CA THR A 256 10.99 29.39 -16.00
C THR A 256 11.57 29.84 -14.66
N HIS A 257 12.87 29.97 -14.55
CA HIS A 257 13.51 30.39 -13.32
C HIS A 257 13.74 31.90 -13.26
N GLN A 258 13.49 32.63 -14.35
CA GLN A 258 13.79 34.05 -14.39
C GLN A 258 12.65 34.85 -13.77
N GLY A 259 12.94 35.53 -12.67
CA GLY A 259 11.97 36.43 -12.08
C GLY A 259 11.60 37.55 -13.03
N ARG A 260 10.31 37.86 -13.07
CA ARG A 260 9.79 38.85 -14.01
C ARG A 260 9.34 40.14 -13.34
N TYR A 261 8.93 40.06 -12.09
CA TYR A 261 8.61 41.24 -11.28
C TYR A 261 8.54 40.77 -9.83
N GLN A 262 8.32 41.72 -8.93
CA GLN A 262 8.29 41.47 -7.49
C GLN A 262 6.95 41.87 -6.91
N VAL A 263 6.44 41.07 -5.97
CA VAL A 263 5.31 41.47 -5.12
C VAL A 263 5.71 41.21 -3.67
N ASN A 264 6.00 42.27 -2.94
CA ASN A 264 6.53 42.16 -1.58
C ASN A 264 7.77 41.27 -1.60
N THR A 265 7.74 40.14 -0.90
CA THR A 265 8.93 39.28 -0.80
C THR A 265 8.98 38.19 -1.85
N MET A 266 7.99 38.15 -2.75
CA MET A 266 7.90 37.11 -3.77
C MET A 266 8.27 37.67 -5.13
N TYR A 267 9.03 36.89 -5.91
CA TYR A 267 9.30 37.19 -7.31
C TYR A 267 8.51 36.22 -8.18
N GLN A 268 7.76 36.74 -9.14
CA GLN A 268 6.97 35.89 -10.03
C GLN A 268 7.86 35.51 -11.21
N ALA A 269 8.21 34.23 -11.30
CA ALA A 269 8.86 33.69 -12.48
C ALA A 269 7.77 33.07 -13.35
N LEU A 270 8.15 32.28 -14.36
CA LEU A 270 7.13 31.60 -15.16
C LEU A 270 6.71 30.32 -14.43
N GLY A 271 5.45 30.27 -13.98
CA GLY A 271 4.94 29.16 -13.19
C GLY A 271 5.44 29.19 -11.76
N TRP A 272 6.75 29.03 -11.61
CA TRP A 272 7.38 29.05 -10.29
C TRP A 272 7.25 30.40 -9.59
N GLU A 273 7.15 30.36 -8.27
CA GLU A 273 7.38 31.51 -7.39
C GLU A 273 8.81 31.45 -6.88
N GLU A 274 9.47 32.60 -6.89
CA GLU A 274 10.90 32.70 -6.61
C GLU A 274 11.12 33.55 -5.36
N PHE A 275 12.10 33.17 -4.55
CA PHE A 275 12.40 33.88 -3.31
C PHE A 275 13.91 33.96 -3.13
N SER A 276 14.36 35.04 -2.49
CA SER A 276 15.75 35.08 -2.06
C SER A 276 16.00 33.99 -1.03
N TYR A 277 17.13 33.30 -1.15
CA TYR A 277 17.45 32.17 -0.28
C TYR A 277 18.50 32.58 0.73
N PRO A 278 18.31 32.28 2.03
CA PRO A 278 17.17 31.57 2.62
C PRO A 278 15.92 32.42 2.68
N ALA A 279 14.76 31.81 2.40
CA ALA A 279 13.49 32.47 2.66
C ALA A 279 13.04 32.16 4.09
N THR A 280 12.57 33.18 4.79
CA THR A 280 11.98 32.89 6.09
C THR A 280 10.72 32.08 5.89
N LEU A 281 10.34 31.31 6.92
CA LEU A 281 9.08 30.57 6.81
C LEU A 281 7.93 31.52 6.55
N GLN A 282 7.91 32.68 7.21
CA GLN A 282 6.83 33.63 6.99
C GLN A 282 6.75 34.07 5.54
N THR A 283 7.90 34.36 4.92
CA THR A 283 7.89 34.72 3.49
C THR A 283 7.24 33.64 2.66
N LEU A 284 7.54 32.36 2.93
CA LEU A 284 6.97 31.29 2.13
C LEU A 284 5.47 31.18 2.38
N LEU A 285 5.03 31.37 3.64
CA LEU A 285 3.61 31.36 3.97
C LEU A 285 2.87 32.54 3.34
N ASP A 286 3.48 33.73 3.37
CA ASP A 286 2.87 34.92 2.79
C ASP A 286 2.53 34.73 1.32
N SER A 287 3.34 33.95 0.60
CA SER A 287 3.10 33.76 -0.83
C SER A 287 1.75 33.11 -1.08
N ASN A 288 1.17 32.47 -0.08
CA ASN A 288 -0.12 31.80 -0.22
C ASN A 288 -1.21 32.43 0.63
N SER A 289 -1.00 33.67 1.08
CA SER A 289 -2.01 34.43 1.80
C SER A 289 -3.19 34.74 0.90
N GLU A 290 -4.35 35.01 1.52
CA GLU A 290 -5.53 35.41 0.75
C GLU A 290 -5.25 36.65 -0.08
N GLN A 291 -4.54 37.62 0.52
CA GLN A 291 -4.21 38.85 -0.21
C GLN A 291 -3.45 38.55 -1.50
N ILE A 292 -2.44 37.68 -1.43
CA ILE A 292 -1.64 37.40 -2.62
C ILE A 292 -2.40 36.52 -3.61
N VAL A 293 -3.18 35.54 -3.11
CA VAL A 293 -3.75 34.54 -4.00
C VAL A 293 -5.04 35.02 -4.65
N MET A 294 -5.85 35.81 -3.93
CA MET A 294 -7.20 36.14 -4.40
C MET A 294 -7.38 37.57 -4.91
N LYS A 295 -6.49 38.49 -4.55
CA LYS A 295 -6.69 39.90 -4.87
C LYS A 295 -5.64 40.39 -5.85
N PRO A 296 -5.90 41.50 -6.55
CA PRO A 296 -4.84 42.12 -7.35
C PRO A 296 -3.83 42.81 -6.46
N ASN A 297 -2.56 42.66 -6.81
CA ASN A 297 -1.49 43.31 -6.08
C ASN A 297 -0.57 44.03 -7.07
N LYS A 298 -0.22 45.26 -6.75
CA LYS A 298 0.65 46.03 -7.62
C LYS A 298 2.02 45.37 -7.71
N VAL A 299 2.54 45.24 -8.95
CA VAL A 299 3.87 44.67 -9.13
C VAL A 299 4.90 45.78 -9.12
N THR A 300 6.12 45.43 -8.73
CA THR A 300 7.25 46.34 -8.84
C THR A 300 8.34 45.68 -9.68
N ALA A 301 9.02 46.48 -10.50
CA ALA A 301 10.05 45.93 -11.37
C ALA A 301 11.24 45.46 -10.54
N ILE A 302 11.92 44.44 -11.04
CA ILE A 302 13.08 43.89 -10.33
C ILE A 302 14.30 44.77 -10.61
N SER A 303 14.95 45.24 -9.54
CA SER A 303 16.20 45.97 -9.68
C SER A 303 17.29 45.04 -10.19
N LYS A 304 17.73 44.12 -9.32
CA LYS A 304 18.56 42.99 -9.73
C LYS A 304 17.97 41.74 -9.10
N GLU A 305 17.97 40.64 -9.84
CA GLU A 305 17.42 39.39 -9.31
C GLU A 305 18.24 38.95 -8.10
N PRO A 306 17.63 38.24 -7.15
CA PRO A 306 18.37 37.84 -5.95
C PRO A 306 19.60 37.04 -6.33
N SER A 307 20.68 37.23 -5.56
CA SER A 307 21.92 36.52 -5.82
C SER A 307 21.75 35.01 -5.67
N VAL A 308 21.05 34.57 -4.62
CA VAL A 308 20.81 33.16 -4.34
C VAL A 308 19.31 32.97 -4.23
N LYS A 309 18.77 31.96 -4.93
CA LYS A 309 17.32 31.85 -5.10
C LYS A 309 16.82 30.47 -4.70
N MET A 310 15.53 30.41 -4.33
CA MET A 310 14.78 29.16 -4.23
C MET A 310 13.40 29.37 -4.81
N TYR A 311 12.69 28.26 -5.04
CA TYR A 311 11.45 28.27 -5.80
C TYR A 311 10.44 27.31 -5.20
N HIS A 312 9.15 27.65 -5.29
CA HIS A 312 8.15 26.66 -4.92
C HIS A 312 6.85 26.90 -5.67
N LYS A 313 5.92 25.97 -5.52
CA LYS A 313 4.56 26.12 -6.06
C LYS A 313 3.64 25.20 -5.29
N THR A 314 2.51 25.74 -4.82
CA THR A 314 1.39 24.96 -4.30
C THR A 314 0.38 24.71 -5.39
N GLY A 315 -0.44 23.67 -5.19
CA GLY A 315 -1.57 23.53 -6.08
C GLY A 315 -2.52 22.47 -5.58
N SER A 316 -3.81 22.60 -5.92
CA SER A 316 -4.80 21.62 -5.52
C SER A 316 -5.84 21.49 -6.63
N THR A 317 -6.64 20.44 -6.50
CA THR A 317 -7.99 20.40 -7.06
C THR A 317 -8.94 20.34 -5.88
N ASN A 318 -10.24 20.17 -6.13
CA ASN A 318 -11.13 20.03 -5.00
C ASN A 318 -10.83 18.78 -4.17
N ARG A 319 -10.02 17.86 -4.71
CA ARG A 319 -9.82 16.57 -4.07
C ARG A 319 -8.37 16.07 -4.07
N PHE A 320 -7.40 16.87 -4.51
CA PHE A 320 -5.99 16.52 -4.48
C PHE A 320 -5.19 17.71 -3.97
N GLY A 321 -4.03 17.44 -3.38
CA GLY A 321 -3.11 18.50 -2.98
C GLY A 321 -1.70 18.20 -3.48
N THR A 322 -0.95 19.27 -3.76
CA THR A 322 0.41 19.16 -4.28
C THR A 322 1.25 20.28 -3.70
N TYR A 323 2.54 19.99 -3.50
CA TYR A 323 3.52 21.03 -3.18
C TYR A 323 4.88 20.61 -3.71
N VAL A 324 5.59 21.56 -4.31
CA VAL A 324 6.93 21.31 -4.82
CA VAL A 324 6.92 21.34 -4.88
C VAL A 324 7.82 22.49 -4.48
N VAL A 325 9.06 22.19 -4.10
CA VAL A 325 10.00 23.22 -3.70
C VAL A 325 11.42 22.73 -4.02
N PHE A 326 12.30 23.66 -4.41
CA PHE A 326 13.69 23.26 -4.62
C PHE A 326 14.62 24.44 -4.35
N ILE A 327 15.86 24.08 -4.01
CA ILE A 327 16.90 25.04 -3.60
C ILE A 327 18.18 24.74 -4.38
N PRO A 328 18.45 25.49 -5.45
CA PRO A 328 19.60 25.18 -6.30
C PRO A 328 20.93 25.06 -5.57
N LYS A 329 21.21 25.96 -4.63
CA LYS A 329 22.51 25.97 -3.98
C LYS A 329 22.75 24.71 -3.16
N GLU A 330 21.69 24.12 -2.63
CA GLU A 330 21.80 22.93 -1.81
C GLU A 330 21.53 21.66 -2.60
N ASN A 331 21.29 21.78 -3.91
CA ASN A 331 21.04 20.65 -4.80
C ASN A 331 19.98 19.73 -4.21
N ILE A 332 18.87 20.32 -3.76
CA ILE A 332 17.84 19.58 -3.04
C ILE A 332 16.45 20.09 -3.43
N GLY A 333 15.48 19.18 -3.37
CA GLY A 333 14.10 19.55 -3.62
C GLY A 333 13.17 18.52 -3.02
N LEU A 334 11.88 18.88 -2.95
CA LEU A 334 10.90 18.02 -2.31
C LEU A 334 9.57 18.14 -3.04
N VAL A 335 8.82 17.02 -3.08
CA VAL A 335 7.50 16.93 -3.71
CA VAL A 335 7.50 16.98 -3.67
C VAL A 335 6.56 16.24 -2.73
N MET A 336 5.36 16.82 -2.54
CA MET A 336 4.30 16.18 -1.76
C MET A 336 3.07 16.05 -2.66
N LEU A 337 2.50 14.85 -2.71
CA LEU A 337 1.24 14.58 -3.40
C LEU A 337 0.26 13.94 -2.43
N THR A 338 -0.99 14.42 -2.41
CA THR A 338 -2.04 13.82 -1.58
C THR A 338 -3.33 13.70 -2.37
N ASN A 339 -4.16 12.70 -2.04
CA ASN A 339 -5.46 12.57 -2.69
C ASN A 339 -6.59 13.09 -1.82
N LYS A 340 -6.30 14.11 -1.02
CA LYS A 340 -7.26 14.96 -0.35
C LYS A 340 -6.56 16.29 -0.09
N ARG A 341 -7.30 17.39 -0.19
CA ARG A 341 -6.69 18.68 0.09
C ARG A 341 -6.30 18.79 1.55
N ILE A 342 -5.14 19.40 1.79
CA ILE A 342 -4.82 19.86 3.13
C ILE A 342 -4.38 21.32 3.02
N PRO A 343 -4.47 22.07 4.11
CA PRO A 343 -4.12 23.49 4.05
C PRO A 343 -2.73 23.72 3.46
N ASN A 344 -2.62 24.75 2.63
CA ASN A 344 -1.32 25.05 2.03
C ASN A 344 -0.27 25.36 3.09
N GLU A 345 -0.65 26.00 4.20
CA GLU A 345 0.32 26.32 5.24
C GLU A 345 0.92 25.05 5.83
N GLU A 346 0.13 24.00 5.95
CA GLU A 346 0.66 22.73 6.44
C GLU A 346 1.69 22.13 5.49
N ARG A 347 1.45 22.23 4.18
CA ARG A 347 2.40 21.71 3.21
C ARG A 347 3.70 22.49 3.27
N ILE A 348 3.59 23.82 3.30
CA ILE A 348 4.77 24.67 3.32
C ILE A 348 5.57 24.49 4.62
N LYS A 349 4.89 24.43 5.77
CA LYS A 349 5.59 24.23 7.04
C LYS A 349 6.31 22.88 7.08
N ALA A 350 5.63 21.81 6.64
CA ALA A 350 6.25 20.49 6.70
C ALA A 350 7.50 20.42 5.82
N ALA A 351 7.44 21.00 4.62
CA ALA A 351 8.60 20.96 3.74
C ALA A 351 9.73 21.87 4.26
N TYR A 352 9.39 22.99 4.88
CA TYR A 352 10.39 23.85 5.50
C TYR A 352 11.14 23.10 6.59
N ALA A 353 10.40 22.37 7.43
CA ALA A 353 11.02 21.60 8.50
C ALA A 353 11.97 20.55 7.95
N VAL A 354 11.53 19.83 6.92
CA VAL A 354 12.35 18.75 6.37
C VAL A 354 13.61 19.30 5.73
N LEU A 355 13.47 20.29 4.84
CA LEU A 355 14.64 20.80 4.15
C LEU A 355 15.60 21.56 5.08
N ASN A 356 15.11 22.08 6.21
CA ASN A 356 16.01 22.72 7.17
C ASN A 356 16.72 21.71 8.06
N ALA A 357 16.20 20.48 8.15
CA ALA A 357 16.77 19.49 9.06
C ALA A 357 17.67 18.47 8.37
N ILE A 358 17.52 18.24 7.06
CA ILE A 358 18.32 17.23 6.38
C ILE A 358 19.79 17.62 6.44
N LYS A 359 20.64 16.62 6.67
CA LYS A 359 22.08 16.84 6.70
C LYS A 359 22.62 16.99 5.28
N LYS A 360 23.59 17.89 5.12
CA LYS A 360 24.19 18.14 3.81
C LYS A 360 25.08 16.95 3.39
N ASN B 2 -0.44 -9.08 -17.23
CA ASN B 2 -0.22 -10.41 -16.67
C ASN B 2 -1.01 -11.48 -17.43
N THR B 3 -0.72 -12.76 -17.14
CA THR B 3 -1.33 -13.88 -17.87
C THR B 3 -2.85 -13.87 -17.67
N PRO B 4 -3.59 -14.53 -18.58
CA PRO B 4 -5.05 -14.64 -18.35
C PRO B 4 -5.41 -15.30 -17.04
N LYS B 5 -4.59 -16.25 -16.59
CA LYS B 5 -4.80 -16.84 -15.26
C LYS B 5 -4.64 -15.80 -14.17
N ASP B 6 -3.59 -14.96 -14.26
CA ASP B 6 -3.38 -13.91 -13.28
C ASP B 6 -4.60 -13.02 -13.14
N GLN B 7 -5.15 -12.59 -14.29
CA GLN B 7 -6.31 -11.70 -14.26
C GLN B 7 -7.57 -12.44 -13.84
N GLU B 8 -7.70 -13.71 -14.24
CA GLU B 8 -8.83 -14.51 -13.76
C GLU B 8 -8.81 -14.63 -12.24
N ILE B 9 -7.64 -14.98 -11.67
CA ILE B 9 -7.53 -15.13 -10.22
C ILE B 9 -7.79 -13.80 -9.52
N LYS B 10 -7.21 -12.72 -10.06
CA LYS B 10 -7.38 -11.42 -9.43
C LYS B 10 -8.84 -11.00 -9.40
N LYS B 11 -9.56 -11.20 -10.50
CA LYS B 11 -10.99 -10.88 -10.52
C LYS B 11 -11.75 -11.62 -9.44
N LEU B 12 -11.54 -12.94 -9.35
CA LEU B 12 -12.27 -13.76 -8.39
C LEU B 12 -11.97 -13.34 -6.97
N VAL B 13 -10.71 -13.01 -6.68
CA VAL B 13 -10.37 -12.61 -5.32
C VAL B 13 -10.89 -11.21 -5.02
N ASP B 14 -10.85 -10.33 -6.03
CA ASP B 14 -11.47 -9.02 -5.86
C ASP B 14 -12.97 -9.16 -5.60
N GLN B 15 -13.63 -10.10 -6.29
CA GLN B 15 -15.07 -10.25 -6.15
C GLN B 15 -15.44 -10.74 -4.76
N ASN B 16 -14.63 -11.63 -4.18
CA ASN B 16 -15.05 -12.36 -3.00
C ASN B 16 -14.34 -11.94 -1.72
N PHE B 17 -13.09 -11.53 -1.80
CA PHE B 17 -12.35 -11.13 -0.60
C PHE B 17 -12.30 -9.63 -0.40
N LYS B 18 -12.13 -8.84 -1.46
CA LYS B 18 -12.04 -7.39 -1.33
C LYS B 18 -13.21 -6.77 -0.55
N PRO B 19 -14.48 -7.13 -0.81
CA PRO B 19 -15.57 -6.50 -0.04
C PRO B 19 -15.48 -6.72 1.46
N LEU B 20 -14.82 -7.79 1.90
CA LEU B 20 -14.71 -8.07 3.34
C LEU B 20 -13.90 -7.00 4.06
N LEU B 21 -12.94 -6.36 3.39
CA LEU B 21 -12.17 -5.32 4.05
C LEU B 21 -13.04 -4.12 4.40
N GLU B 22 -13.95 -3.74 3.49
CA GLU B 22 -14.87 -2.65 3.78
C GLU B 22 -15.89 -3.06 4.84
N LYS B 23 -16.35 -4.30 4.78
CA LYS B 23 -17.43 -4.75 5.66
C LYS B 23 -17.00 -4.74 7.13
N TYR B 24 -15.74 -5.12 7.39
CA TYR B 24 -15.23 -5.23 8.76
C TYR B 24 -14.16 -4.19 9.06
N ASP B 25 -13.96 -3.20 8.19
CA ASP B 25 -12.92 -2.20 8.33
C ASP B 25 -11.56 -2.84 8.62
N VAL B 26 -11.18 -3.77 7.75
CA VAL B 26 -9.91 -4.48 7.90
C VAL B 26 -8.80 -3.60 7.34
N PRO B 27 -7.71 -3.37 8.08
CA PRO B 27 -6.64 -2.53 7.52
C PRO B 27 -5.97 -3.13 6.31
N GLY B 28 -5.67 -4.43 6.34
CA GLY B 28 -4.94 -5.05 5.26
C GLY B 28 -5.17 -6.55 5.20
N MET B 29 -4.87 -7.12 4.04
CA MET B 29 -5.14 -8.51 3.78
C MET B 29 -4.17 -9.02 2.72
N ALA B 30 -3.79 -10.29 2.83
CA ALA B 30 -3.03 -10.96 1.76
C ALA B 30 -3.76 -12.24 1.40
N VAL B 31 -4.00 -12.46 0.11
CA VAL B 31 -4.66 -13.65 -0.38
C VAL B 31 -3.77 -14.30 -1.42
N GLY B 32 -3.47 -15.57 -1.24
CA GLY B 32 -2.67 -16.33 -2.18
C GLY B 32 -3.45 -17.52 -2.71
N VAL B 33 -3.30 -17.79 -4.00
CA VAL B 33 -3.87 -18.97 -4.64
C VAL B 33 -2.74 -19.72 -5.33
N ILE B 34 -2.72 -21.04 -5.18
CA ILE B 34 -1.82 -21.87 -5.97
C ILE B 34 -2.69 -22.82 -6.79
N GLN B 35 -2.40 -22.89 -8.09
CA GLN B 35 -3.10 -23.82 -8.97
C GLN B 35 -2.10 -24.34 -10.00
N ASN B 36 -1.99 -25.67 -10.08
CA ASN B 36 -1.12 -26.32 -11.06
C ASN B 36 0.32 -25.83 -10.90
N ASN B 37 0.78 -25.78 -9.65
CA ASN B 37 2.14 -25.41 -9.31
C ASN B 37 2.49 -23.96 -9.67
N LYS B 38 1.50 -23.12 -9.98
CA LYS B 38 1.72 -21.69 -10.19
C LYS B 38 1.07 -20.91 -9.06
N LYS B 39 1.80 -19.94 -8.51
CA LYS B 39 1.38 -19.16 -7.36
C LYS B 39 0.91 -17.77 -7.77
N TYR B 40 -0.09 -17.26 -7.05
CA TYR B 40 -0.68 -15.95 -7.33
C TYR B 40 -0.83 -15.21 -6.00
N GLU B 41 -0.20 -14.04 -5.90
CA GLU B 41 -0.19 -13.26 -4.67
C GLU B 41 -1.01 -11.99 -4.88
N MET B 42 -1.89 -11.70 -3.92
CA MET B 42 -2.72 -10.50 -3.99
C MET B 42 -2.73 -9.81 -2.63
N TYR B 43 -2.38 -8.52 -2.61
CA TYR B 43 -2.26 -7.75 -1.39
C TYR B 43 -3.23 -6.59 -1.41
N TYR B 44 -3.82 -6.30 -0.24
CA TYR B 44 -4.75 -5.19 -0.06
C TYR B 44 -4.40 -4.40 1.18
N GLY B 45 -4.53 -3.08 1.09
CA GLY B 45 -4.55 -2.32 2.32
C GLY B 45 -3.18 -2.13 2.96
N LEU B 46 -3.21 -1.92 4.28
CA LEU B 46 -2.10 -1.41 5.07
C LEU B 46 -1.80 -2.36 6.23
N GLN B 47 -0.54 -2.32 6.69
CA GLN B 47 -0.14 -3.17 7.80
C GLN B 47 -0.80 -2.77 9.11
N SER B 48 -1.06 -1.47 9.28
CA SER B 48 -1.75 -0.96 10.46
C SER B 48 -2.25 0.44 10.12
N VAL B 49 -3.31 0.87 10.83
CA VAL B 49 -3.72 2.26 10.69
C VAL B 49 -2.67 3.20 11.28
N GLN B 50 -1.77 2.69 12.13
CA GLN B 50 -0.74 3.54 12.71
C GLN B 50 0.41 3.79 11.73
N ASP B 51 0.93 2.75 11.08
CA ASP B 51 2.07 2.96 10.20
C ASP B 51 1.68 3.35 8.77
N LYS B 52 0.47 2.96 8.34
CA LYS B 52 -0.04 3.25 6.99
C LYS B 52 0.92 2.76 5.90
N LYS B 53 1.58 1.65 6.16
CA LYS B 53 2.46 1.01 5.20
C LYS B 53 1.71 -0.07 4.41
N ALA B 54 1.96 -0.11 3.11
CA ALA B 54 1.29 -1.08 2.24
C ALA B 54 1.59 -2.50 2.69
N VAL B 55 0.54 -3.34 2.71
CA VAL B 55 0.74 -4.77 2.83
C VAL B 55 1.44 -5.27 1.58
N ASN B 56 2.44 -6.12 1.77
CA ASN B 56 3.29 -6.57 0.67
C ASN B 56 3.81 -7.98 0.97
N SER B 57 4.65 -8.49 0.08
CA SER B 57 5.14 -9.86 0.18
C SER B 57 6.06 -10.07 1.37
N SER B 58 6.51 -9.01 2.03
CA SER B 58 7.29 -9.12 3.26
C SER B 58 6.46 -8.95 4.52
N THR B 59 5.18 -8.56 4.41
CA THR B 59 4.37 -8.35 5.61
C THR B 59 4.22 -9.65 6.40
N ILE B 60 4.39 -9.56 7.72
CA ILE B 60 4.33 -10.72 8.60
C ILE B 60 3.00 -10.75 9.33
N PHE B 61 2.31 -11.90 9.28
CA PHE B 61 1.02 -12.10 9.91
C PHE B 61 1.14 -13.19 10.96
N GLU B 62 0.39 -13.04 12.06
CA GLU B 62 0.30 -14.10 13.07
C GLU B 62 -0.69 -15.16 12.59
N LEU B 63 -0.29 -16.43 12.68
CA LEU B 63 -1.12 -17.53 12.19
C LEU B 63 -2.15 -18.04 13.20
N GLY B 64 -2.03 -17.69 14.48
CA GLY B 64 -3.00 -18.20 15.44
C GLY B 64 -3.01 -19.72 15.44
N SER B 65 -4.22 -20.31 15.48
CA SER B 65 -4.35 -21.76 15.60
C SER B 65 -3.81 -22.49 14.38
N VAL B 66 -3.58 -21.78 13.27
CA VAL B 66 -3.01 -22.45 12.11
C VAL B 66 -1.57 -22.86 12.43
N SER B 67 -0.98 -22.28 13.47
CA SER B 67 0.34 -22.73 13.94
C SER B 67 0.35 -24.23 14.21
N LYS B 68 -0.79 -24.80 14.59
CA LYS B 68 -0.87 -26.23 14.89
C LYS B 68 -0.52 -27.10 13.68
N LEU B 69 -0.67 -26.59 12.47
CA LEU B 69 -0.24 -27.35 11.30
C LEU B 69 1.27 -27.55 11.30
N PHE B 70 2.02 -26.55 11.76
CA PHE B 70 3.46 -26.73 11.81
C PHE B 70 3.85 -27.66 12.96
N THR B 71 3.13 -27.60 14.08
CA THR B 71 3.37 -28.54 15.16
C THR B 71 3.11 -29.97 14.69
N ALA B 72 2.03 -30.17 13.95
CA ALA B 72 1.71 -31.49 13.42
C ALA B 72 2.79 -31.98 12.47
N THR B 73 3.28 -31.09 11.60
CA THR B 73 4.34 -31.46 10.67
C THR B 73 5.60 -31.84 11.44
N ALA B 74 5.91 -31.10 12.51
CA ALA B 74 7.05 -31.44 13.34
C ALA B 74 6.90 -32.83 13.96
N GLY B 75 5.70 -33.14 14.45
CA GLY B 75 5.49 -34.45 15.04
C GLY B 75 5.58 -35.56 14.02
N GLY B 76 5.03 -35.34 12.82
CA GLY B 76 5.19 -36.32 11.76
C GLY B 76 6.64 -36.51 11.36
N TYR B 77 7.42 -35.43 11.43
CA TYR B 77 8.85 -35.49 11.15
C TYR B 77 9.56 -36.35 12.18
N ALA B 78 9.36 -36.03 13.46
CA ALA B 78 10.00 -36.80 14.53
C ALA B 78 9.56 -38.25 14.53
N LYS B 79 8.27 -38.50 14.25
CA LYS B 79 7.77 -39.86 14.19
C LYS B 79 8.49 -40.66 13.12
N ASN B 80 8.60 -40.11 11.91
CA ASN B 80 9.15 -40.85 10.80
C ASN B 80 10.68 -40.88 10.79
N LYS B 81 11.33 -40.23 11.75
CA LYS B 81 12.75 -40.44 12.02
C LYS B 81 12.96 -41.29 13.27
N GLY B 82 11.90 -41.90 13.79
CA GLY B 82 12.01 -42.76 14.96
C GLY B 82 12.32 -42.05 16.26
N LYS B 83 12.24 -40.72 16.29
CA LYS B 83 12.46 -40.01 17.53
C LYS B 83 11.29 -40.22 18.49
N ILE B 84 10.08 -40.45 17.96
CA ILE B 84 8.91 -40.78 18.76
C ILE B 84 8.12 -41.86 18.05
N SER B 85 7.25 -42.51 18.82
CA SER B 85 6.14 -43.30 18.30
C SER B 85 4.85 -42.67 18.77
N PHE B 86 3.83 -42.68 17.92
CA PHE B 86 2.55 -42.12 18.31
C PHE B 86 1.86 -42.93 19.39
N ASP B 87 2.32 -44.14 19.67
CA ASP B 87 1.80 -44.94 20.77
C ASP B 87 2.54 -44.67 22.07
N ASP B 88 3.61 -43.88 22.05
CA ASP B 88 4.31 -43.49 23.26
C ASP B 88 3.43 -42.58 24.12
N THR B 89 3.80 -42.46 25.39
CA THR B 89 3.15 -41.54 26.32
C THR B 89 4.13 -40.43 26.73
N PRO B 90 3.62 -39.30 27.24
CA PRO B 90 4.51 -38.14 27.48
C PRO B 90 5.58 -38.37 28.53
N GLY B 91 5.31 -39.23 29.52
CA GLY B 91 6.29 -39.49 30.57
C GLY B 91 7.55 -40.16 30.07
N LYS B 92 7.52 -40.73 28.87
CA LYS B 92 8.73 -41.31 28.30
C LYS B 92 9.75 -40.24 27.93
N TYR B 93 9.33 -38.99 27.75
CA TYR B 93 10.23 -37.90 27.37
C TYR B 93 10.32 -36.80 28.43
N TRP B 94 9.20 -36.45 29.07
CA TRP B 94 9.21 -35.49 30.17
C TRP B 94 9.11 -36.29 31.46
N LYS B 95 10.23 -36.39 32.18
CA LYS B 95 10.35 -37.40 33.23
C LYS B 95 9.48 -37.10 34.43
N GLU B 96 9.21 -35.83 34.72
CA GLU B 96 8.41 -35.46 35.89
C GLU B 96 6.96 -35.89 35.72
N LEU B 97 6.62 -36.47 34.57
CA LEU B 97 5.28 -36.96 34.29
C LEU B 97 5.17 -38.49 34.38
N LYS B 98 6.27 -39.18 34.66
CA LYS B 98 6.20 -40.63 34.81
C LYS B 98 5.31 -40.99 35.99
N ASN B 99 4.53 -42.07 35.82
CA ASN B 99 3.67 -42.61 36.88
C ASN B 99 2.59 -41.62 37.32
N THR B 100 2.14 -40.77 36.42
CA THR B 100 1.01 -39.89 36.67
C THR B 100 -0.12 -40.26 35.72
N PRO B 101 -1.35 -39.85 36.01
CA PRO B 101 -2.46 -40.21 35.12
C PRO B 101 -2.33 -39.67 33.70
N ILE B 102 -1.73 -38.50 33.50
CA ILE B 102 -1.58 -37.98 32.14
C ILE B 102 -0.66 -38.89 31.31
N ASP B 103 0.19 -39.68 31.96
CA ASP B 103 1.04 -40.65 31.28
C ASP B 103 0.27 -41.87 30.78
N GLN B 104 -1.06 -41.90 30.92
CA GLN B 104 -1.90 -42.91 30.29
C GLN B 104 -2.43 -42.47 28.93
N VAL B 105 -2.14 -41.23 28.52
CA VAL B 105 -2.59 -40.68 27.23
C VAL B 105 -1.41 -40.76 26.27
N ASN B 106 -1.66 -41.21 25.04
CA ASN B 106 -0.53 -41.33 24.13
C ASN B 106 -0.39 -40.06 23.28
N LEU B 107 0.72 -40.01 22.53
CA LEU B 107 1.04 -38.77 21.82
C LEU B 107 0.00 -38.45 20.75
N LEU B 108 -0.51 -39.47 20.06
CA LEU B 108 -1.54 -39.21 19.05
C LEU B 108 -2.79 -38.61 19.69
N GLN B 109 -3.17 -39.12 20.86
CA GLN B 109 -4.35 -38.61 21.54
C GLN B 109 -4.15 -37.17 21.99
N LEU B 110 -2.94 -36.82 22.44
CA LEU B 110 -2.65 -35.43 22.76
C LEU B 110 -2.73 -34.57 21.51
N ALA B 111 -2.13 -35.03 20.41
CA ALA B 111 -2.07 -34.22 19.18
C ALA B 111 -3.45 -34.01 18.56
N THR B 112 -4.39 -34.93 18.78
CA THR B 112 -5.74 -34.85 18.20
C THR B 112 -6.83 -34.63 19.25
N TYR B 113 -6.44 -34.14 20.44
CA TYR B 113 -7.37 -33.55 21.42
C TYR B 113 -8.32 -34.57 22.04
N THR B 114 -7.87 -35.81 22.29
CA THR B 114 -8.77 -36.81 22.85
C THR B 114 -8.34 -37.33 24.22
N SER B 115 -7.58 -36.54 24.98
CA SER B 115 -7.19 -36.97 26.33
C SER B 115 -8.41 -37.18 27.22
N GLY B 116 -9.51 -36.46 26.96
CA GLY B 116 -10.71 -36.61 27.74
C GLY B 116 -10.86 -35.63 28.88
N ASN B 117 -9.88 -34.77 29.12
CA ASN B 117 -10.03 -33.72 30.13
C ASN B 117 -9.05 -32.58 29.92
N LEU B 118 -9.01 -32.03 28.71
CA LEU B 118 -8.25 -30.80 28.45
C LEU B 118 -9.10 -29.87 27.63
N ALA B 119 -9.27 -28.65 28.13
CA ALA B 119 -10.17 -27.67 27.53
C ALA B 119 -9.39 -26.80 26.55
N LEU B 120 -10.05 -25.76 26.03
CA LEU B 120 -9.41 -24.90 25.04
C LEU B 120 -8.12 -24.30 25.57
N GLN B 121 -8.15 -23.80 26.81
CA GLN B 121 -7.01 -23.12 27.41
C GLN B 121 -6.61 -23.77 28.72
N PHE B 122 -5.37 -23.49 29.13
CA PHE B 122 -5.00 -23.64 30.52
C PHE B 122 -5.90 -22.77 31.38
N PRO B 123 -6.17 -23.19 32.61
CA PRO B 123 -6.93 -22.32 33.52
C PRO B 123 -6.20 -21.00 33.75
N ASP B 124 -6.96 -19.96 34.08
CA ASP B 124 -6.44 -18.60 34.10
C ASP B 124 -5.18 -18.48 34.95
N GLU B 125 -5.11 -19.20 36.07
CA GLU B 125 -4.02 -19.02 37.02
C GLU B 125 -2.76 -19.79 36.67
N VAL B 126 -2.73 -20.48 35.53
CA VAL B 126 -1.54 -21.23 35.11
C VAL B 126 -0.75 -20.32 34.18
N LYS B 127 0.33 -19.73 34.70
CA LYS B 127 1.15 -18.79 33.95
C LYS B 127 2.61 -19.25 33.87
N THR B 128 3.29 -19.39 35.00
CA THR B 128 4.71 -19.74 34.98
C THR B 128 4.91 -21.18 34.54
N ASP B 129 6.18 -21.54 34.32
CA ASP B 129 6.51 -22.90 33.93
C ASP B 129 6.18 -23.90 35.03
N GLN B 130 6.49 -23.55 36.28
CA GLN B 130 6.22 -24.48 37.37
C GLN B 130 4.72 -24.73 37.52
N GLN B 131 3.89 -23.72 37.27
CA GLN B 131 2.45 -23.94 37.29
C GLN B 131 2.02 -24.89 36.18
N VAL B 132 2.78 -24.94 35.08
CA VAL B 132 2.49 -25.87 34.00
C VAL B 132 2.91 -27.29 34.37
N LEU B 133 4.06 -27.43 35.04
CA LEU B 133 4.52 -28.74 35.47
C LEU B 133 3.53 -29.38 36.45
N THR B 134 3.08 -28.61 37.44
CA THR B 134 2.15 -29.13 38.45
C THR B 134 0.73 -29.28 37.91
N PHE B 135 0.38 -28.57 36.83
CA PHE B 135 -0.91 -28.79 36.20
C PHE B 135 -0.99 -30.20 35.62
N PHE B 136 0.05 -30.63 34.91
CA PHE B 136 0.00 -31.95 34.30
C PHE B 136 0.22 -33.07 35.32
N LYS B 137 0.96 -32.81 36.40
CA LYS B 137 1.08 -33.79 37.47
C LYS B 137 -0.25 -33.96 38.21
N ASP B 138 -0.98 -32.87 38.42
CA ASP B 138 -2.24 -32.92 39.14
C ASP B 138 -3.41 -33.36 38.26
N TRP B 139 -3.18 -33.48 36.96
CA TRP B 139 -4.24 -33.83 36.02
C TRP B 139 -4.81 -35.21 36.31
N LYS B 140 -6.14 -35.33 36.17
CA LYS B 140 -6.85 -36.60 36.30
C LYS B 140 -7.78 -36.77 35.11
N PRO B 141 -8.11 -38.01 34.75
CA PRO B 141 -9.03 -38.22 33.62
C PRO B 141 -10.46 -37.82 33.96
N LYS B 142 -11.20 -37.50 32.90
CA LYS B 142 -12.66 -37.28 32.99
C LYS B 142 -13.39 -38.23 32.05
N ASN B 143 -13.39 -37.97 30.74
CA ASN B 143 -13.95 -38.93 29.80
C ASN B 143 -12.94 -40.06 29.56
N SER B 144 -13.45 -41.17 29.01
CA SER B 144 -12.58 -42.27 28.63
C SER B 144 -11.54 -41.77 27.63
N ILE B 145 -10.27 -42.13 27.88
CA ILE B 145 -9.18 -41.61 27.04
C ILE B 145 -9.36 -42.08 25.61
N GLY B 146 -9.28 -41.14 24.67
CA GLY B 146 -9.39 -41.43 23.25
C GLY B 146 -10.77 -41.33 22.67
N GLU B 147 -11.82 -41.24 23.49
CA GLU B 147 -13.20 -41.32 23.00
CA GLU B 147 -13.18 -41.31 22.99
C GLU B 147 -13.85 -39.96 22.76
N TYR B 148 -13.32 -38.87 23.34
CA TYR B 148 -13.96 -37.57 23.25
C TYR B 148 -12.97 -36.51 22.78
N ARG B 149 -13.34 -35.80 21.72
CA ARG B 149 -12.53 -34.71 21.17
C ARG B 149 -12.92 -33.39 21.81
N GLN B 150 -11.95 -32.66 22.34
CA GLN B 150 -12.18 -31.30 22.79
C GLN B 150 -11.01 -30.45 22.31
N TYR B 151 -11.25 -29.59 21.33
CA TYR B 151 -10.16 -28.79 20.77
C TYR B 151 -9.43 -28.08 21.90
N SER B 152 -8.10 -28.21 21.94
CA SER B 152 -7.37 -27.88 23.17
C SER B 152 -5.94 -27.43 22.89
N ASN B 153 -5.61 -26.21 23.33
CA ASN B 153 -4.24 -25.75 23.21
C ASN B 153 -3.29 -26.48 24.15
N PRO B 154 -3.60 -26.69 25.44
CA PRO B 154 -2.66 -27.44 26.28
C PRO B 154 -2.39 -28.84 25.76
N SER B 155 -3.39 -29.48 25.14
CA SER B 155 -3.21 -30.82 24.60
C SER B 155 -2.13 -30.85 23.54
N ILE B 156 -2.28 -30.05 22.49
CA ILE B 156 -1.24 -30.05 21.46
C ILE B 156 0.01 -29.31 21.93
N GLY B 157 -0.09 -28.46 22.95
CA GLY B 157 1.12 -27.86 23.52
C GLY B 157 2.01 -28.89 24.18
N LEU B 158 1.41 -29.79 24.97
CA LEU B 158 2.19 -30.89 25.55
C LEU B 158 2.74 -31.79 24.46
N PHE B 159 1.95 -32.05 23.41
CA PHE B 159 2.46 -32.79 22.27
C PHE B 159 3.69 -32.12 21.70
N GLY B 160 3.61 -30.80 21.49
CA GLY B 160 4.74 -30.08 20.91
C GLY B 160 5.97 -30.09 21.80
N LYS B 161 5.77 -29.95 23.12
CA LYS B 161 6.90 -30.00 24.03
C LYS B 161 7.60 -31.36 23.94
N VAL B 162 6.82 -32.44 23.84
CA VAL B 162 7.39 -33.78 23.79
C VAL B 162 8.15 -33.99 22.49
N VAL B 163 7.56 -33.57 21.37
CA VAL B 163 8.27 -33.67 20.08
C VAL B 163 9.61 -32.98 20.17
N ALA B 164 9.64 -31.78 20.77
CA ALA B 164 10.87 -31.04 20.93
C ALA B 164 11.88 -31.80 21.78
N LEU B 165 11.41 -32.43 22.86
CA LEU B 165 12.30 -33.24 23.69
C LEU B 165 12.90 -34.40 22.90
N SER B 166 12.08 -35.07 22.08
CA SER B 166 12.58 -36.19 21.31
C SER B 166 13.64 -35.78 20.30
N MET B 167 13.65 -34.52 19.87
CA MET B 167 14.59 -34.02 18.88
C MET B 167 15.75 -33.25 19.50
N ASN B 168 15.81 -33.17 20.83
CA ASN B 168 16.95 -32.61 21.56
C ASN B 168 17.16 -31.13 21.24
N LYS B 169 16.06 -30.40 21.07
CA LYS B 169 16.08 -28.97 20.79
C LYS B 169 14.83 -28.35 21.36
N PRO B 170 14.88 -27.08 21.77
CA PRO B 170 13.66 -26.36 22.13
C PRO B 170 12.71 -26.27 20.94
N PHE B 171 11.42 -26.13 21.24
CA PHE B 171 10.41 -26.19 20.19
C PHE B 171 10.63 -25.09 19.14
N ASP B 172 10.98 -23.88 19.56
CA ASP B 172 11.19 -22.79 18.61
C ASP B 172 12.31 -23.12 17.62
N GLN B 173 13.32 -23.86 18.06
CA GLN B 173 14.40 -24.22 17.14
C GLN B 173 14.05 -25.43 16.29
N VAL B 174 13.17 -26.32 16.78
CA VAL B 174 12.65 -27.38 15.93
C VAL B 174 12.01 -26.78 14.69
N LEU B 175 11.19 -25.74 14.88
CA LEU B 175 10.56 -25.11 13.72
C LEU B 175 11.54 -24.26 12.94
N GLU B 176 12.24 -23.33 13.61
CA GLU B 176 13.04 -22.31 12.93
C GLU B 176 14.31 -22.89 12.32
N LYS B 177 14.85 -23.98 12.88
CA LYS B 177 16.08 -24.54 12.35
C LYS B 177 15.89 -25.82 11.55
N THR B 178 14.77 -26.54 11.74
CA THR B 178 14.60 -27.83 11.07
C THR B 178 13.39 -27.86 10.15
N ILE B 179 12.20 -27.53 10.65
CA ILE B 179 10.98 -27.73 9.88
C ILE B 179 10.78 -26.61 8.86
N PHE B 180 10.90 -25.34 9.28
CA PHE B 180 10.72 -24.25 8.32
C PHE B 180 11.68 -24.35 7.16
N PRO B 181 12.99 -24.59 7.36
CA PRO B 181 13.90 -24.68 6.20
C PRO B 181 13.61 -25.88 5.32
N ALA B 182 13.23 -27.02 5.93
CA ALA B 182 12.84 -28.18 5.13
C ALA B 182 11.68 -27.86 4.21
N LEU B 183 10.79 -26.97 4.62
CA LEU B 183 9.63 -26.61 3.83
C LEU B 183 9.90 -25.45 2.87
N GLY B 184 11.12 -24.93 2.87
CA GLY B 184 11.47 -23.84 1.99
C GLY B 184 10.97 -22.49 2.44
N LEU B 185 10.68 -22.32 3.72
CA LEU B 185 10.18 -21.05 4.24
C LEU B 185 11.34 -20.13 4.62
N LYS B 186 11.23 -18.87 4.23
CA LYS B 186 12.31 -17.91 4.43
C LYS B 186 12.04 -16.89 5.53
N HIS B 187 10.77 -16.64 5.86
CA HIS B 187 10.42 -15.60 6.81
C HIS B 187 9.26 -16.05 7.68
N SER B 188 9.37 -17.27 8.19
CA SER B 188 8.43 -17.81 9.15
C SER B 188 9.16 -17.98 10.47
N TYR B 189 8.49 -17.61 11.56
CA TYR B 189 9.17 -17.46 12.84
C TYR B 189 8.27 -17.91 13.98
N VAL B 190 8.90 -18.36 15.06
CA VAL B 190 8.26 -18.38 16.36
C VAL B 190 8.54 -17.07 17.10
N ASN B 191 9.77 -16.57 16.98
CA ASN B 191 10.13 -15.25 17.51
C ASN B 191 10.65 -14.40 16.35
N VAL B 192 9.89 -13.37 16.01
CA VAL B 192 10.25 -12.46 14.92
C VAL B 192 11.45 -11.63 15.35
N PRO B 193 12.55 -11.65 14.59
CA PRO B 193 13.73 -10.87 14.99
C PRO B 193 13.53 -9.38 14.74
N LYS B 194 14.35 -8.58 15.44
CA LYS B 194 14.21 -7.13 15.36
C LYS B 194 14.44 -6.62 13.95
N THR B 195 15.27 -7.32 13.16
CA THR B 195 15.50 -6.92 11.78
C THR B 195 14.25 -7.04 10.91
N GLN B 196 13.17 -7.61 11.43
CA GLN B 196 11.92 -7.79 10.70
C GLN B 196 10.81 -6.88 11.22
N MET B 197 11.11 -5.97 12.15
CA MET B 197 10.04 -5.27 12.86
C MET B 197 9.32 -4.24 11.98
N GLN B 198 9.95 -3.76 10.90
CA GLN B 198 9.19 -2.94 9.95
C GLN B 198 8.13 -3.75 9.21
N ASN B 199 8.20 -5.07 9.24
CA ASN B 199 7.27 -5.93 8.52
C ASN B 199 6.19 -6.52 9.42
N TYR B 200 6.26 -6.26 10.73
CA TYR B 200 5.45 -6.97 11.72
C TYR B 200 4.85 -5.96 12.69
N ALA B 201 3.54 -5.77 12.62
CA ALA B 201 2.81 -4.86 13.52
C ALA B 201 3.16 -5.08 14.99
N GLY B 216 0.66 -16.86 26.43
CA GLY B 216 0.39 -17.87 27.44
C GLY B 216 1.45 -18.94 27.56
N PRO B 217 1.30 -19.83 28.53
CA PRO B 217 2.29 -20.89 28.71
C PRO B 217 2.11 -22.00 27.68
N LEU B 218 3.24 -22.58 27.28
CA LEU B 218 3.27 -23.66 26.29
C LEU B 218 2.49 -23.28 25.03
N GLY B 219 2.50 -22.01 24.69
CA GLY B 219 1.67 -21.48 23.62
C GLY B 219 2.17 -21.67 22.21
N ALA B 220 3.49 -21.65 22.01
CA ALA B 220 4.06 -21.72 20.66
C ALA B 220 3.52 -22.87 19.81
N PRO B 221 3.42 -24.11 20.29
CA PRO B 221 2.85 -25.17 19.43
C PRO B 221 1.37 -24.99 19.13
N ALA B 222 0.64 -24.23 19.94
CA ALA B 222 -0.79 -24.05 19.70
C ALA B 222 -1.11 -22.80 18.89
N TYR B 223 -0.30 -21.73 19.02
CA TYR B 223 -0.69 -20.49 18.33
C TYR B 223 0.46 -19.51 18.10
N GLY B 224 1.72 -19.91 18.17
CA GLY B 224 2.82 -18.97 18.18
C GLY B 224 3.59 -18.72 16.90
N VAL B 225 3.12 -19.18 15.73
CA VAL B 225 3.85 -19.02 14.49
C VAL B 225 3.42 -17.74 13.77
N LYS B 226 4.40 -17.05 13.17
CA LYS B 226 4.20 -15.88 12.32
C LYS B 226 4.75 -16.19 10.92
N SER B 227 4.11 -15.67 9.87
CA SER B 227 4.58 -16.00 8.52
C SER B 227 4.15 -14.93 7.52
N THR B 228 4.60 -15.12 6.27
CA THR B 228 4.29 -14.24 5.15
C THR B 228 3.44 -14.99 4.13
N LEU B 229 2.81 -14.23 3.23
CA LEU B 229 2.03 -14.89 2.18
C LEU B 229 2.91 -15.75 1.28
N PRO B 230 4.10 -15.32 0.83
CA PRO B 230 4.93 -16.26 0.04
C PRO B 230 5.26 -17.55 0.79
N ASP B 231 5.57 -17.46 2.09
CA ASP B 231 5.86 -18.68 2.85
C ASP B 231 4.63 -19.57 2.96
N MET B 232 3.47 -18.98 3.19
CA MET B 232 2.28 -19.83 3.32
C MET B 232 1.91 -20.47 1.99
N LEU B 233 2.14 -19.78 0.87
CA LEU B 233 1.96 -20.42 -0.42
C LEU B 233 2.96 -21.56 -0.62
N SER B 234 4.20 -21.37 -0.16
CA SER B 234 5.17 -22.47 -0.21
C SER B 234 4.70 -23.65 0.64
N PHE B 235 4.15 -23.37 1.82
CA PHE B 235 3.61 -24.42 2.67
C PHE B 235 2.46 -25.15 2.01
N ILE B 236 1.57 -24.42 1.33
CA ILE B 236 0.49 -25.09 0.62
C ILE B 236 1.05 -25.92 -0.53
N HIS B 237 2.06 -25.40 -1.23
CA HIS B 237 2.71 -26.18 -2.29
C HIS B 237 3.25 -27.49 -1.75
N ALA B 238 3.88 -27.46 -0.57
CA ALA B 238 4.43 -28.68 0.01
C ALA B 238 3.32 -29.67 0.36
N ASN B 239 2.17 -29.17 0.80
CA ASN B 239 1.08 -30.09 1.12
C ASN B 239 0.45 -30.67 -0.14
N LEU B 240 0.42 -29.89 -1.22
CA LEU B 240 -0.09 -30.38 -2.50
C LEU B 240 0.88 -31.29 -3.23
N ASN B 241 2.19 -31.20 -2.92
CA ASN B 241 3.23 -31.90 -3.68
C ASN B 241 4.29 -32.48 -2.74
N PRO B 242 3.90 -33.25 -1.72
CA PRO B 242 4.91 -33.78 -0.79
C PRO B 242 5.96 -34.62 -1.48
N GLN B 243 5.63 -35.29 -2.59
CA GLN B 243 6.61 -36.15 -3.24
CA GLN B 243 6.57 -36.14 -3.30
C GLN B 243 7.74 -35.37 -3.90
N LYS B 244 7.64 -34.05 -3.98
CA LYS B 244 8.71 -33.22 -4.52
C LYS B 244 9.71 -32.79 -3.45
N TYR B 245 9.56 -33.27 -2.22
CA TYR B 245 10.39 -32.83 -1.11
C TYR B 245 11.24 -33.98 -0.58
N PRO B 246 12.29 -33.68 0.20
CA PRO B 246 13.11 -34.77 0.74
C PRO B 246 12.30 -35.70 1.64
N ALA B 247 12.84 -36.92 1.80
CA ALA B 247 12.07 -38.02 2.36
C ALA B 247 11.54 -37.71 3.76
N ASP B 248 12.33 -37.03 4.59
CA ASP B 248 11.95 -36.83 5.98
C ASP B 248 10.80 -35.85 6.12
N ILE B 249 10.82 -34.77 5.34
CA ILE B 249 9.70 -33.83 5.38
C ILE B 249 8.53 -34.34 4.56
N GLN B 250 8.78 -35.13 3.51
CA GLN B 250 7.71 -35.74 2.73
C GLN B 250 6.84 -36.63 3.61
N ARG B 251 7.46 -37.56 4.33
CA ARG B 251 6.65 -38.44 5.17
C ARG B 251 6.01 -37.69 6.32
N ALA B 252 6.66 -36.62 6.79
CA ALA B 252 6.05 -35.76 7.81
C ALA B 252 4.75 -35.14 7.31
N ILE B 253 4.77 -34.60 6.09
CA ILE B 253 3.56 -34.00 5.51
C ILE B 253 2.50 -35.07 5.32
N ASN B 254 2.89 -36.22 4.76
CA ASN B 254 1.95 -37.32 4.59
C ASN B 254 1.28 -37.68 5.91
N GLU B 255 2.05 -37.69 7.01
CA GLU B 255 1.50 -38.03 8.32
C GLU B 255 0.37 -37.09 8.72
N THR B 256 0.50 -35.79 8.39
CA THR B 256 -0.52 -34.82 8.75
C THR B 256 -1.78 -34.94 7.91
N HIS B 257 -1.76 -35.68 6.80
CA HIS B 257 -2.93 -35.82 5.95
C HIS B 257 -3.77 -37.04 6.29
N GLN B 258 -3.30 -37.87 7.21
CA GLN B 258 -3.98 -39.12 7.56
C GLN B 258 -5.07 -38.84 8.59
N GLY B 259 -6.33 -39.03 8.19
CA GLY B 259 -7.41 -38.93 9.15
C GLY B 259 -7.28 -39.99 10.23
N ARG B 260 -7.57 -39.59 11.47
CA ARG B 260 -7.42 -40.45 12.64
C ARG B 260 -8.74 -40.86 13.27
N TYR B 261 -9.80 -40.07 13.11
CA TYR B 261 -11.17 -40.41 13.51
C TYR B 261 -12.06 -39.37 12.85
N GLN B 262 -13.37 -39.51 13.05
CA GLN B 262 -14.27 -38.48 12.54
C GLN B 262 -15.26 -38.04 13.60
N VAL B 263 -15.74 -36.81 13.43
CA VAL B 263 -16.86 -36.27 14.20
C VAL B 263 -17.84 -35.74 13.17
N ASN B 264 -18.97 -36.43 12.99
CA ASN B 264 -19.93 -36.08 11.92
C ASN B 264 -19.16 -36.08 10.60
N THR B 265 -19.23 -35.01 9.81
CA THR B 265 -18.60 -35.00 8.49
C THR B 265 -17.15 -34.54 8.50
N MET B 266 -16.59 -34.23 9.68
CA MET B 266 -15.21 -33.77 9.77
C MET B 266 -14.32 -34.91 10.24
N TYR B 267 -13.24 -35.16 9.50
CA TYR B 267 -12.22 -36.11 9.91
C TYR B 267 -11.07 -35.34 10.54
N GLN B 268 -10.55 -35.84 11.67
CA GLN B 268 -9.47 -35.14 12.34
C GLN B 268 -8.15 -35.74 11.87
N ALA B 269 -7.39 -34.99 11.08
CA ALA B 269 -6.03 -35.41 10.75
C ALA B 269 -5.10 -34.79 11.78
N LEU B 270 -3.80 -34.76 11.52
CA LEU B 270 -2.86 -34.12 12.44
C LEU B 270 -2.80 -32.65 12.09
N GLY B 271 -3.35 -31.80 12.95
CA GLY B 271 -3.47 -30.39 12.68
C GLY B 271 -4.60 -30.10 11.71
N TRP B 272 -4.49 -30.62 10.48
CA TRP B 272 -5.52 -30.39 9.47
C TRP B 272 -6.86 -31.03 9.85
N GLU B 273 -7.94 -30.36 9.45
CA GLU B 273 -9.27 -30.97 9.36
C GLU B 273 -9.47 -31.48 7.94
N GLU B 274 -10.10 -32.66 7.83
CA GLU B 274 -10.18 -33.41 6.59
C GLU B 274 -11.64 -33.67 6.25
N PHE B 275 -11.97 -33.59 4.95
CA PHE B 275 -13.33 -33.78 4.49
C PHE B 275 -13.32 -34.63 3.22
N SER B 276 -14.39 -35.41 3.03
CA SER B 276 -14.59 -36.02 1.72
C SER B 276 -14.82 -34.95 0.66
N TYR B 277 -14.15 -35.09 -0.49
CA TYR B 277 -14.30 -34.13 -1.58
C TYR B 277 -15.07 -34.74 -2.74
N PRO B 278 -16.02 -34.00 -3.34
CA PRO B 278 -16.41 -32.62 -3.03
C PRO B 278 -17.10 -32.49 -1.68
N ALA B 279 -16.80 -31.41 -0.97
CA ALA B 279 -17.47 -31.08 0.28
C ALA B 279 -18.41 -29.91 0.04
N THR B 280 -19.61 -29.99 0.61
CA THR B 280 -20.53 -28.87 0.52
C THR B 280 -20.02 -27.73 1.39
N LEU B 281 -20.43 -26.50 1.02
CA LEU B 281 -20.10 -25.35 1.86
C LEU B 281 -20.61 -25.54 3.28
N GLN B 282 -21.81 -26.11 3.44
CA GLN B 282 -22.36 -26.30 4.79
C GLN B 282 -21.50 -27.23 5.62
N THR B 283 -20.99 -28.30 5.00
CA THR B 283 -20.05 -29.18 5.70
C THR B 283 -18.85 -28.40 6.21
N LEU B 284 -18.29 -27.52 5.38
CA LEU B 284 -17.09 -26.80 5.80
C LEU B 284 -17.43 -25.79 6.90
N LEU B 285 -18.60 -25.16 6.81
CA LEU B 285 -19.05 -24.26 7.87
C LEU B 285 -19.32 -25.00 9.16
N ASP B 286 -19.92 -26.19 9.07
CA ASP B 286 -20.24 -26.97 10.26
C ASP B 286 -18.99 -27.30 11.07
N SER B 287 -17.85 -27.43 10.37
CA SER B 287 -16.61 -27.77 11.05
C SER B 287 -16.19 -26.69 12.04
N ASN B 288 -16.68 -25.45 11.90
CA ASN B 288 -16.33 -24.38 12.81
C ASN B 288 -17.49 -24.02 13.75
N SER B 289 -18.46 -24.93 13.92
CA SER B 289 -19.57 -24.64 14.80
C SER B 289 -19.10 -24.55 16.25
N GLU B 290 -19.87 -23.83 17.07
CA GLU B 290 -19.53 -23.74 18.48
C GLU B 290 -19.51 -25.11 19.14
N GLN B 291 -20.43 -26.00 18.71
CA GLN B 291 -20.43 -27.36 19.26
C GLN B 291 -19.10 -28.06 18.97
N ILE B 292 -18.59 -27.94 17.74
CA ILE B 292 -17.36 -28.67 17.41
C ILE B 292 -16.15 -28.02 18.07
N VAL B 293 -16.09 -26.69 18.08
CA VAL B 293 -14.88 -25.99 18.50
C VAL B 293 -14.78 -25.87 20.01
N MET B 294 -15.92 -25.68 20.69
CA MET B 294 -15.91 -25.31 22.09
C MET B 294 -16.37 -26.42 23.04
N LYS B 295 -16.95 -27.51 22.54
CA LYS B 295 -17.52 -28.53 23.39
C LYS B 295 -16.86 -29.89 23.14
N PRO B 296 -16.90 -30.80 24.12
CA PRO B 296 -16.47 -32.18 23.86
C PRO B 296 -17.47 -32.89 22.95
N ASN B 297 -16.94 -33.71 22.05
CA ASN B 297 -17.77 -34.49 21.14
C ASN B 297 -17.23 -35.90 21.03
N LYS B 298 -18.12 -36.89 21.17
CA LYS B 298 -17.76 -38.30 20.98
C LYS B 298 -17.20 -38.53 19.59
N VAL B 299 -16.08 -39.22 19.50
CA VAL B 299 -15.48 -39.50 18.20
C VAL B 299 -15.97 -40.83 17.67
N THR B 300 -15.90 -40.96 16.34
CA THR B 300 -16.20 -42.20 15.63
C THR B 300 -14.88 -42.71 15.04
N ALA B 301 -14.47 -43.90 15.47
CA ALA B 301 -13.31 -44.53 14.86
C ALA B 301 -13.60 -44.80 13.40
N ILE B 302 -12.59 -44.65 12.56
CA ILE B 302 -12.79 -44.78 11.13
C ILE B 302 -12.12 -46.05 10.63
N SER B 303 -12.81 -46.77 9.76
CA SER B 303 -12.26 -47.92 9.07
C SER B 303 -11.55 -47.53 7.80
N LYS B 304 -11.91 -46.40 7.22
CA LYS B 304 -11.27 -45.89 6.01
C LYS B 304 -11.33 -44.38 6.04
N GLU B 305 -10.46 -43.76 5.28
CA GLU B 305 -10.66 -42.35 4.98
C GLU B 305 -11.51 -42.22 3.73
N PRO B 306 -12.03 -41.03 3.45
CA PRO B 306 -12.67 -40.82 2.13
C PRO B 306 -11.69 -41.13 1.02
N SER B 307 -12.24 -41.61 -0.10
CA SER B 307 -11.40 -41.91 -1.27
C SER B 307 -10.76 -40.64 -1.82
N VAL B 308 -11.50 -39.53 -1.81
CA VAL B 308 -11.04 -38.24 -2.32
C VAL B 308 -11.25 -37.21 -1.21
N LYS B 309 -10.22 -36.41 -0.92
CA LYS B 309 -10.18 -35.63 0.30
C LYS B 309 -9.84 -34.18 0.01
N MET B 310 -10.23 -33.31 0.95
CA MET B 310 -9.77 -31.93 1.02
C MET B 310 -9.52 -31.59 2.48
N TYR B 311 -8.81 -30.49 2.71
CA TYR B 311 -8.30 -30.16 4.03
C TYR B 311 -8.39 -28.67 4.24
N HIS B 312 -8.67 -28.24 5.48
CA HIS B 312 -8.57 -26.82 5.78
C HIS B 312 -8.24 -26.61 7.24
N LYS B 313 -7.92 -25.35 7.58
CA LYS B 313 -7.71 -24.95 8.97
C LYS B 313 -7.97 -23.46 9.11
N THR B 314 -8.69 -23.09 10.18
CA THR B 314 -8.88 -21.70 10.58
C THR B 314 -7.98 -21.37 11.76
N GLY B 315 -7.67 -20.08 11.90
CA GLY B 315 -6.96 -19.64 13.09
C GLY B 315 -7.07 -18.15 13.25
N SER B 316 -6.97 -17.70 14.50
CA SER B 316 -6.98 -16.28 14.80
C SER B 316 -6.07 -16.01 15.98
N THR B 317 -5.59 -14.77 16.06
CA THR B 317 -5.02 -14.23 17.28
C THR B 317 -5.85 -13.02 17.68
N ASN B 318 -5.32 -12.23 18.61
CA ASN B 318 -6.02 -11.03 19.04
C ASN B 318 -6.31 -10.12 17.85
N ARG B 319 -5.35 -9.96 16.94
CA ARG B 319 -5.49 -9.02 15.85
C ARG B 319 -5.45 -9.63 14.47
N PHE B 320 -5.13 -10.91 14.32
CA PHE B 320 -4.92 -11.50 13.00
C PHE B 320 -5.93 -12.61 12.74
N GLY B 321 -6.22 -12.84 11.46
CA GLY B 321 -7.05 -13.96 11.05
C GLY B 321 -6.39 -14.73 9.94
N THR B 322 -6.55 -16.06 9.97
CA THR B 322 -5.94 -16.94 8.97
C THR B 322 -6.95 -17.97 8.49
N TYR B 323 -6.84 -18.33 7.21
CA TYR B 323 -7.54 -19.51 6.68
C TYR B 323 -6.68 -20.13 5.60
N VAL B 324 -6.57 -21.46 5.63
CA VAL B 324 -5.81 -22.20 4.62
C VAL B 324 -6.63 -23.42 4.23
N VAL B 325 -6.64 -23.72 2.94
CA VAL B 325 -7.45 -24.81 2.39
C VAL B 325 -6.75 -25.36 1.16
N PHE B 326 -6.77 -26.67 0.96
CA PHE B 326 -6.23 -27.19 -0.28
C PHE B 326 -6.96 -28.46 -0.69
N ILE B 327 -6.97 -28.71 -2.00
CA ILE B 327 -7.71 -29.81 -2.59
C ILE B 327 -6.79 -30.60 -3.52
N PRO B 328 -6.23 -31.70 -3.06
CA PRO B 328 -5.23 -32.43 -3.86
C PRO B 328 -5.70 -32.83 -5.26
N LYS B 329 -6.94 -33.32 -5.40
CA LYS B 329 -7.39 -33.80 -6.71
C LYS B 329 -7.47 -32.67 -7.72
N GLU B 330 -7.76 -31.46 -7.27
CA GLU B 330 -7.88 -30.30 -8.15
C GLU B 330 -6.58 -29.50 -8.25
N ASN B 331 -5.52 -29.96 -7.57
CA ASN B 331 -4.21 -29.31 -7.62
C ASN B 331 -4.29 -27.82 -7.30
N ILE B 332 -5.03 -27.49 -6.24
CA ILE B 332 -5.32 -26.08 -5.94
C ILE B 332 -5.37 -25.87 -4.44
N GLY B 333 -5.07 -24.65 -4.01
CA GLY B 333 -5.14 -24.31 -2.60
C GLY B 333 -5.21 -22.81 -2.45
N LEU B 334 -5.58 -22.37 -1.25
CA LEU B 334 -5.76 -20.95 -1.02
C LEU B 334 -5.35 -20.58 0.40
N VAL B 335 -4.80 -19.37 0.56
CA VAL B 335 -4.43 -18.82 1.87
C VAL B 335 -5.00 -17.41 1.97
N MET B 336 -5.67 -17.12 3.09
CA MET B 336 -6.09 -15.75 3.43
C MET B 336 -5.43 -15.35 4.74
N LEU B 337 -4.78 -14.17 4.74
CA LEU B 337 -4.20 -13.58 5.94
C LEU B 337 -4.78 -12.19 6.15
N THR B 338 -5.33 -11.91 7.34
CA THR B 338 -5.84 -10.58 7.65
C THR B 338 -5.21 -10.06 8.93
N ASN B 339 -5.08 -8.73 9.02
CA ASN B 339 -4.64 -8.10 10.25
C ASN B 339 -5.80 -7.49 11.04
N LYS B 340 -7.00 -8.00 10.79
CA LYS B 340 -8.12 -7.89 11.73
C LYS B 340 -8.86 -9.21 11.69
N ARG B 341 -9.30 -9.69 12.85
CA ARG B 341 -10.17 -10.86 12.87
C ARG B 341 -11.48 -10.56 12.15
N ILE B 342 -11.88 -11.45 11.24
CA ILE B 342 -13.20 -11.44 10.64
C ILE B 342 -13.81 -12.82 10.85
N PRO B 343 -15.14 -12.94 10.81
CA PRO B 343 -15.75 -14.23 11.15
C PRO B 343 -15.24 -15.37 10.28
N ASN B 344 -15.02 -16.52 10.92
CA ASN B 344 -14.54 -17.71 10.21
C ASN B 344 -15.46 -18.05 9.04
N GLU B 345 -16.77 -17.89 9.22
N GLU B 345 -16.78 -17.90 9.22
CA GLU B 345 -17.72 -18.22 8.17
CA GLU B 345 -17.72 -18.23 8.16
C GLU B 345 -17.44 -17.42 6.90
C GLU B 345 -17.44 -17.41 6.90
N GLU B 346 -17.06 -16.14 7.07
CA GLU B 346 -16.74 -15.30 5.92
C GLU B 346 -15.50 -15.80 5.19
N ARG B 347 -14.49 -16.26 5.94
CA ARG B 347 -13.28 -16.77 5.33
C ARG B 347 -13.59 -18.03 4.52
N ILE B 348 -14.35 -18.95 5.11
CA ILE B 348 -14.67 -20.21 4.45
C ILE B 348 -15.53 -19.96 3.21
N LYS B 349 -16.51 -19.05 3.30
CA LYS B 349 -17.40 -18.80 2.17
C LYS B 349 -16.64 -18.18 1.01
N ALA B 350 -15.82 -17.17 1.29
CA ALA B 350 -15.09 -16.50 0.22
C ALA B 350 -14.14 -17.45 -0.50
N ALA B 351 -13.39 -18.26 0.27
CA ALA B 351 -12.47 -19.22 -0.33
C ALA B 351 -13.23 -20.27 -1.15
N TYR B 352 -14.38 -20.71 -0.65
CA TYR B 352 -15.19 -21.67 -1.39
C TYR B 352 -15.64 -21.10 -2.73
N ALA B 353 -16.07 -19.84 -2.74
CA ALA B 353 -16.51 -19.22 -3.99
C ALA B 353 -15.38 -19.15 -5.00
N VAL B 354 -14.18 -18.76 -4.56
CA VAL B 354 -13.05 -18.64 -5.47
C VAL B 354 -12.65 -20.00 -6.01
N LEU B 355 -12.50 -20.98 -5.12
CA LEU B 355 -12.00 -22.28 -5.54
C LEU B 355 -12.96 -23.00 -6.47
N ASN B 356 -14.26 -22.77 -6.33
CA ASN B 356 -15.20 -23.47 -7.18
C ASN B 356 -15.48 -22.74 -8.48
N ALA B 357 -15.19 -21.44 -8.56
CA ALA B 357 -15.41 -20.70 -9.79
C ALA B 357 -14.18 -20.67 -10.69
N ILE B 358 -13.00 -20.93 -10.16
CA ILE B 358 -11.78 -20.89 -10.96
C ILE B 358 -11.82 -21.97 -12.02
N LYS B 359 -11.43 -21.61 -13.24
CA LYS B 359 -11.52 -22.53 -14.38
C LYS B 359 -10.44 -23.61 -14.30
C 1RG C . -11.88 27.86 -6.01
N 1RG C . -11.93 25.54 -5.07
O 1RG C . -11.54 27.47 -7.12
CA 1RG C . -11.87 26.97 -4.80
CB 1RG C . -10.63 27.16 -3.94
CD 1RG C . -11.12 24.77 -4.14
CG 1RG C . -10.42 25.81 -3.28
CAA 1RG C . -5.18 26.18 -8.21
CAB 1RG C . -6.57 25.74 -7.84
OAC 1RG C . -4.89 26.49 -9.35
CAD 1RG C . -6.95 26.26 -6.45
CAE 1RG C . -7.56 26.29 -8.84
CAF 1RG C . -7.60 27.81 -8.81
OAG 1RG C . -7.20 25.82 -10.13
CAH 1RG C . -8.14 25.59 -5.79
CAI 1RG C . -7.70 25.60 -4.37
NAJ 1RG C . -5.88 26.06 -5.50
SAK 1RG C . -8.72 25.39 -3.04
CAL 1RG C . -6.38 25.76 -4.31
CAM 1RG C . -5.55 25.64 -3.12
CAS 1RG C . -8.33 24.12 -6.18
OAT 1RG C . -4.33 25.39 -3.29
OAU 1RG C . -6.07 25.80 -2.00
NAX 1RG C . -12.26 29.10 -5.73
CAY 1RG C . -12.91 29.91 -6.61
CAZ 1RG C . -13.89 29.40 -7.46
CBA 1RG C . -14.54 30.26 -8.33
CBB 1RG C . -14.24 31.61 -8.34
CBC 1RG C . -13.26 32.13 -7.49
CBD 1RG C . -12.62 31.27 -6.61
CBE 1RG C . -15.59 29.75 -9.28
OBF 1RG C . -16.38 30.57 -9.81
OBG 1RG C . -15.64 28.52 -9.53
C1 EDO D . -5.73 23.77 -23.66
O1 EDO D . -5.91 24.22 -25.01
C2 EDO D . -6.51 22.51 -23.33
O2 EDO D . -7.40 22.65 -22.23
C2 A1B93 E . -11.00 -19.94 17.92
C5 A1B93 E . -8.97 -21.04 18.69
C6 A1B93 E . -7.68 -20.26 18.59
C1 A1B93 E . -10.16 -20.20 19.14
C11 A1B93 E . -9.77 -18.90 19.84
C3 A1B93 E . -10.41 -20.86 16.91
C7 A1B93 E . -6.92 -20.58 17.21
CD2 A1B93 E . -8.96 -14.84 19.52
CE2 A1B93 E . -7.88 -15.69 19.35
CE3 A1B93 E . -8.89 -13.81 20.46
CZ2 A1B93 E . -6.73 -15.52 20.11
CZ3 A1B93 E . -7.74 -13.65 21.21
CH2 A1B93 E . -6.66 -14.50 21.04
C1A A1B93 E . -12.21 -17.61 16.94
C2A A1B93 E . -12.04 -16.42 16.03
C31 A1B93 E . -11.00 -21.02 15.59
C41 A1B93 E . -7.65 -12.54 22.21
C4A A1B93 E . -12.79 -17.07 18.21
C5A A1B93 E . -12.34 -15.61 18.27
C61 A1B93 E . -6.73 -20.68 19.71
C62 A1B93 E . -5.46 -19.82 19.68
C6A A1B93 E . -11.22 -15.48 19.26
N3A A1B93 E . -11.88 -15.25 16.91
N4 A1B93 E . -9.37 -21.41 17.31
N7A A1B93 E . -10.07 -15.02 18.78
O31 A1B93 E . -10.28 -21.04 14.58
O32 A1B93 E . -12.25 -21.14 15.51
O42 A1B93 E . -6.56 -12.37 22.80
O43 A1B93 E . -8.65 -11.84 22.45
O62 A1B93 E . -7.35 -20.64 20.99
O6A A1B93 E . -11.42 -15.79 20.42
O7 A1B93 E . -7.11 -19.68 16.39
S21 A1B93 E . -10.66 -18.34 17.29
C1 EDO F . -9.63 -6.67 16.67
O1 EDO F . -9.37 -5.51 15.90
C2 EDO F . -9.97 -7.80 15.74
O2 EDO F . -8.76 -8.30 15.22
#